data_7WSG
#
_entry.id   7WSG
#
_cell.length_a   1.00
_cell.length_b   1.00
_cell.length_c   1.00
_cell.angle_alpha   90.00
_cell.angle_beta   90.00
_cell.angle_gamma   90.00
#
_symmetry.space_group_name_H-M   'P 1'
#
loop_
_entity.id
_entity.type
_entity.pdbx_description
1 polymer 'Angiotensin-converting enzyme'
2 polymer 'Spike protein S1'
3 non-polymer 'ZINC ION'
#
loop_
_entity_poly.entity_id
_entity_poly.type
_entity_poly.pdbx_seq_one_letter_code
_entity_poly.pdbx_strand_id
1 'polypeptide(L)'
;MLGSSWLLLSLAALTAARSTTEDLVKTFLEKFNSEAEELSYQSSLASWNYNTNITDENVQKMNDAGAKWSAFYEEQSKQA
KTYPLEEIQDSTVKRQLQALQHSGSSVLSADKSQRLNTILNAMSTIYSTGKACNPNNPQECLLLEPGLDDIMANSRDYNE
RLWAWEGWRSEVGKQLRPLYEEYVALKNEMARANNYEDYGDYWRGDYEEEWTNGYNYSRDQLIKDVEQTFTQIQPLYEHL
HAYVRAKLMDTYPSHMSPTGCLPAHLLGDMWGRFWTNLYPLTVPFGQKPNIDVTDTMVNQSWDARRIFEEAEKFFVSVGL
PNMTQGFWENSMLTEPGDSRKVVCHPTAWDLGKHDFRIKMCTKVTMDDFLTAHHEMGHIQYDMAYAAQPFLLRNGANEGF
HEAVGEIMSLSAATPKHLKNIGLLPPGFSEDNETDINFLFKQALTIVGTLPFTYMLEKWRWMVFKGEIPKEQWMKKWWEM
KRDLVGVVEPLPHDETYCDPASLFHVANDYSFIRYYTRTIYQFQFQEALCQIAKHEGPLHKCDISNSSEAGQTLLQMLKL
GRSKPWTLALYRVVGAKNMDVRPLLNYFDPLFTWLKEQNRNSFVGWNTDWSPYADQSIKVRISLKSALGEKAYEWNDNEM
YLFRSSIAYAMREYFSKVKNQMIPFVEDNVWVNNLKPRISFTFFVTSPGNMSDIIPRADVEEAIRMSRGRINDAFRLDDN
SLEFLGIQPTLEPPYQPPVTIWLIVFGVVMAVVVVGIVLLIFSGIRSRRKNDQATSEENPYASVNLSKGENNPGFQNVDD
VQTSSF
;
A
2 'polypeptide(L)'
;NLCPFGEVFNATKFPSVYAWERKKISNCVADYSVLYNSTFFSTFKCYGVSATKLNDLCFSNVYADSFVVKGDDVRQIAPG
QTGVIADYNYKLPDDFMGCVLAWNTRNIDATSTGNYNYKYRYLRHGKLRPFERDISNVPFSPDGKPCTPPALNCYWPLND
YGFYTTTGIGYQPYRVVVLSFEGSLEVLFQ
;
B
#
loop_
_chem_comp.id
_chem_comp.type
_chem_comp.name
_chem_comp.formula
ZN non-polymer 'ZINC ION' 'Zn 2'
#
# COMPACT_ATOMS: atom_id res chain seq x y z
N SER A 19 -7.53 -23.87 -25.69
CA SER A 19 -7.61 -23.03 -26.90
C SER A 19 -8.45 -21.78 -26.63
N THR A 20 -9.41 -21.92 -25.72
CA THR A 20 -10.28 -20.80 -25.38
C THR A 20 -9.48 -19.71 -24.65
N THR A 21 -9.94 -18.47 -24.81
CA THR A 21 -9.25 -17.35 -24.18
C THR A 21 -9.16 -17.52 -22.67
N GLU A 22 -10.10 -18.25 -22.07
CA GLU A 22 -10.02 -18.53 -20.64
C GLU A 22 -8.77 -19.33 -20.29
N ASP A 23 -8.46 -20.36 -21.08
CA ASP A 23 -7.23 -21.11 -20.85
C ASP A 23 -6.01 -20.29 -21.20
N LEU A 24 -6.06 -19.53 -22.30
CA LEU A 24 -4.91 -18.78 -22.78
C LEU A 24 -4.55 -17.58 -21.93
N VAL A 25 -5.40 -17.21 -20.97
CA VAL A 25 -5.10 -16.09 -20.09
C VAL A 25 -4.66 -16.52 -18.69
N LYS A 26 -5.04 -17.73 -18.25
CA LYS A 26 -4.56 -18.22 -16.97
C LYS A 26 -3.07 -18.56 -17.04
N THR A 27 -2.68 -19.28 -18.08
CA THR A 27 -1.26 -19.58 -18.28
C THR A 27 -0.46 -18.31 -18.51
N PHE A 28 -1.05 -17.35 -19.22
CA PHE A 28 -0.41 -16.05 -19.43
C PHE A 28 -0.19 -15.31 -18.12
N LEU A 29 -0.95 -15.65 -17.07
CA LEU A 29 -0.78 -15.07 -15.75
C LEU A 29 -0.12 -16.04 -14.78
N GLU A 30 0.63 -17.00 -15.32
CA GLU A 30 1.55 -17.83 -14.55
C GLU A 30 2.98 -17.67 -15.03
N LYS A 31 3.20 -17.07 -16.20
CA LYS A 31 4.50 -16.57 -16.62
C LYS A 31 4.71 -15.13 -16.22
N PHE A 32 3.64 -14.32 -16.23
CA PHE A 32 3.74 -12.97 -15.70
C PHE A 32 3.99 -13.01 -14.20
N ASN A 33 3.20 -13.78 -13.46
CA ASN A 33 3.30 -13.79 -11.99
C ASN A 33 4.65 -14.32 -11.53
N SER A 34 5.14 -15.39 -12.15
CA SER A 34 6.44 -15.94 -11.77
C SER A 34 7.56 -14.96 -12.08
N GLU A 35 7.55 -14.38 -13.28
CA GLU A 35 8.59 -13.44 -13.67
C GLU A 35 8.41 -12.05 -13.07
N ALA A 36 7.21 -11.72 -12.60
CA ALA A 36 7.01 -10.40 -12.00
C ALA A 36 7.66 -10.30 -10.63
N GLU A 37 7.57 -11.38 -9.83
CA GLU A 37 8.11 -11.34 -8.47
C GLU A 37 9.60 -11.09 -8.47
N GLU A 38 10.32 -11.71 -9.41
CA GLU A 38 11.76 -11.49 -9.49
C GLU A 38 12.09 -10.05 -9.88
N LEU A 39 11.48 -9.56 -10.94
CA LEU A 39 11.81 -8.22 -11.42
C LEU A 39 11.25 -7.14 -10.51
N SER A 40 10.14 -7.41 -9.83
CA SER A 40 9.65 -6.45 -8.83
C SER A 40 10.56 -6.44 -7.60
N TYR A 41 10.98 -7.62 -7.14
CA TYR A 41 11.86 -7.67 -5.97
C TYR A 41 13.21 -7.05 -6.26
N GLN A 42 13.77 -7.32 -7.44
CA GLN A 42 15.06 -6.74 -7.79
C GLN A 42 14.98 -5.22 -7.86
N SER A 43 13.84 -4.67 -8.28
CA SER A 43 13.62 -3.24 -8.23
C SER A 43 13.15 -2.76 -6.87
N SER A 44 12.77 -3.67 -5.98
CA SER A 44 12.42 -3.32 -4.61
C SER A 44 13.64 -3.30 -3.72
N LEU A 45 14.50 -4.32 -3.81
CA LEU A 45 15.78 -4.29 -3.10
C LEU A 45 16.62 -3.10 -3.56
N ALA A 46 16.69 -2.89 -4.87
CA ALA A 46 17.49 -1.77 -5.39
C ALA A 46 16.92 -0.44 -4.95
N SER A 47 15.59 -0.31 -4.95
CA SER A 47 14.99 0.92 -4.44
C SER A 47 15.26 1.10 -2.95
N TRP A 48 15.21 0.02 -2.19
CA TRP A 48 15.55 0.10 -0.77
C TRP A 48 17.01 0.48 -0.58
N ASN A 49 17.91 -0.17 -1.32
CA ASN A 49 19.33 0.11 -1.18
C ASN A 49 19.64 1.55 -1.54
N TYR A 50 18.95 2.10 -2.54
CA TYR A 50 19.09 3.53 -2.83
C TYR A 50 18.47 4.38 -1.72
N ASN A 51 17.36 3.91 -1.13
CA ASN A 51 16.71 4.66 -0.07
C ASN A 51 17.47 4.55 1.25
N THR A 52 18.08 3.39 1.53
CA THR A 52 18.85 3.20 2.74
C THR A 52 20.34 3.49 2.53
N ASN A 53 20.74 3.83 1.31
CA ASN A 53 22.13 4.25 1.04
C ASN A 53 22.09 5.08 -0.24
N ILE A 54 22.11 6.39 -0.11
CA ILE A 54 22.04 7.28 -1.26
C ILE A 54 23.44 7.47 -1.80
N THR A 55 23.71 6.91 -2.98
CA THR A 55 24.99 7.08 -3.66
C THR A 55 24.78 6.77 -5.13
N ASP A 56 25.70 7.29 -5.96
CA ASP A 56 25.56 7.14 -7.40
C ASP A 56 25.61 5.67 -7.83
N GLU A 57 26.37 4.84 -7.10
CA GLU A 57 26.44 3.43 -7.43
C GLU A 57 25.08 2.76 -7.27
N ASN A 58 24.34 3.11 -6.21
CA ASN A 58 23.03 2.51 -5.99
C ASN A 58 21.97 3.08 -6.92
N VAL A 59 22.16 4.31 -7.40
CA VAL A 59 21.19 4.90 -8.31
C VAL A 59 21.17 4.15 -9.64
N GLN A 60 22.35 3.83 -10.18
CA GLN A 60 22.40 3.09 -11.43
C GLN A 60 21.88 1.68 -11.26
N LYS A 61 22.17 1.05 -10.12
CA LYS A 61 21.63 -0.27 -9.85
C LYS A 61 20.11 -0.24 -9.76
N MET A 62 19.55 0.80 -9.14
CA MET A 62 18.11 0.90 -9.01
C MET A 62 17.44 1.07 -10.38
N ASN A 63 17.98 1.96 -11.21
CA ASN A 63 17.38 2.19 -12.52
C ASN A 63 17.55 0.99 -13.44
N ASP A 64 18.73 0.36 -13.41
CA ASP A 64 18.97 -0.79 -14.28
C ASP A 64 18.04 -1.95 -13.92
N ALA A 65 17.87 -2.22 -12.62
CA ALA A 65 16.94 -3.26 -12.21
C ALA A 65 15.49 -2.79 -12.30
N GLY A 66 15.24 -1.51 -12.06
CA GLY A 66 13.89 -0.99 -12.19
C GLY A 66 13.39 -0.97 -13.62
N ALA A 67 14.25 -0.58 -14.55
CA ALA A 67 13.84 -0.49 -15.95
C ALA A 67 13.59 -1.87 -16.56
N LYS A 68 14.27 -2.90 -16.07
CA LYS A 68 14.02 -4.25 -16.55
C LYS A 68 12.59 -4.68 -16.26
N TRP A 69 12.10 -4.38 -15.06
CA TRP A 69 10.71 -4.68 -14.72
C TRP A 69 9.75 -3.81 -15.52
N SER A 70 10.07 -2.54 -15.69
CA SER A 70 9.20 -1.64 -16.45
C SER A 70 9.10 -2.08 -17.91
N ALA A 71 10.24 -2.42 -18.53
CA ALA A 71 10.22 -2.92 -19.89
C ALA A 71 9.49 -4.25 -19.99
N PHE A 72 9.71 -5.12 -19.01
CA PHE A 72 9.01 -6.42 -19.00
C PHE A 72 7.51 -6.23 -18.86
N TYR A 73 7.09 -5.33 -17.97
CA TYR A 73 5.65 -5.12 -17.75
C TYR A 73 4.97 -4.61 -19.01
N GLU A 74 5.59 -3.65 -19.69
CA GLU A 74 5.00 -3.10 -20.90
C GLU A 74 4.94 -4.15 -22.01
N GLU A 75 5.98 -4.98 -22.12
CA GLU A 75 5.93 -6.07 -23.09
C GLU A 75 4.81 -7.05 -22.75
N GLN A 76 4.63 -7.34 -21.47
CA GLN A 76 3.56 -8.26 -21.05
C GLN A 76 2.19 -7.62 -21.20
N SER A 77 2.08 -6.32 -20.89
CA SER A 77 0.77 -5.67 -20.95
C SER A 77 0.21 -5.65 -22.37
N LYS A 78 1.05 -5.36 -23.36
CA LYS A 78 0.60 -5.37 -24.75
C LYS A 78 0.19 -6.78 -25.18
N GLN A 79 0.91 -7.79 -24.70
CA GLN A 79 0.49 -9.17 -24.95
C GLN A 79 -0.87 -9.46 -24.33
N ALA A 80 -1.20 -8.79 -23.23
CA ALA A 80 -2.50 -9.02 -22.60
C ALA A 80 -3.64 -8.46 -23.45
N LYS A 81 -3.40 -7.36 -24.18
CA LYS A 81 -4.45 -6.73 -24.97
C LYS A 81 -4.91 -7.60 -26.13
N THR A 82 -4.09 -8.56 -26.58
CA THR A 82 -4.54 -9.45 -27.64
C THR A 82 -5.71 -10.31 -27.19
N TYR A 83 -5.83 -10.55 -25.89
CA TYR A 83 -6.92 -11.35 -25.35
C TYR A 83 -8.18 -10.49 -25.21
N PRO A 84 -9.31 -10.90 -25.79
CA PRO A 84 -10.56 -10.15 -25.59
C PRO A 84 -11.04 -10.31 -24.15
N LEU A 85 -11.24 -9.17 -23.47
CA LEU A 85 -11.65 -9.19 -22.07
C LEU A 85 -13.05 -9.75 -21.91
N GLU A 86 -13.92 -9.54 -22.91
CA GLU A 86 -15.31 -9.93 -22.80
C GLU A 86 -15.48 -11.45 -22.71
N GLU A 87 -14.66 -12.20 -23.46
CA GLU A 87 -14.90 -13.63 -23.63
C GLU A 87 -14.68 -14.43 -22.35
N ILE A 88 -14.04 -13.84 -21.33
CA ILE A 88 -13.75 -14.60 -20.12
C ILE A 88 -15.04 -14.89 -19.36
N GLN A 89 -14.98 -15.93 -18.52
CA GLN A 89 -16.08 -16.27 -17.63
C GLN A 89 -15.71 -16.12 -16.17
N ASP A 90 -14.60 -16.70 -15.73
CA ASP A 90 -14.17 -16.56 -14.34
C ASP A 90 -13.73 -15.13 -14.08
N SER A 91 -14.35 -14.50 -13.09
CA SER A 91 -14.11 -13.09 -12.80
C SER A 91 -12.84 -12.86 -11.98
N THR A 92 -12.21 -13.93 -11.49
CA THR A 92 -10.96 -13.76 -10.77
C THR A 92 -9.83 -13.30 -11.69
N VAL A 93 -9.73 -13.90 -12.88
CA VAL A 93 -8.71 -13.49 -13.83
C VAL A 93 -9.09 -12.22 -14.58
N LYS A 94 -10.38 -11.91 -14.68
CA LYS A 94 -10.80 -10.64 -15.26
C LYS A 94 -10.31 -9.47 -14.42
N ARG A 95 -10.31 -9.63 -13.10
CA ARG A 95 -9.67 -8.64 -12.24
C ARG A 95 -8.19 -8.51 -12.55
N GLN A 96 -7.57 -9.58 -13.02
CA GLN A 96 -6.15 -9.57 -13.37
C GLN A 96 -5.92 -9.11 -14.80
N LEU A 97 -6.67 -9.65 -15.77
CA LEU A 97 -6.47 -9.26 -17.15
C LEU A 97 -6.79 -7.79 -17.38
N GLN A 98 -7.88 -7.30 -16.77
CA GLN A 98 -8.20 -5.89 -16.90
C GLN A 98 -7.10 -5.02 -16.31
N ALA A 99 -6.49 -5.46 -15.20
CA ALA A 99 -5.37 -4.73 -14.64
C ALA A 99 -4.19 -4.74 -15.60
N LEU A 100 -3.95 -5.87 -16.28
CA LEU A 100 -2.84 -5.97 -17.20
C LEU A 100 -3.12 -5.27 -18.52
N GLN A 101 -4.38 -5.27 -18.98
CA GLN A 101 -4.72 -4.62 -20.24
C GLN A 101 -4.58 -3.10 -20.15
N HIS A 102 -4.54 -2.54 -18.95
CA HIS A 102 -4.35 -1.10 -18.79
C HIS A 102 -3.08 -0.66 -19.50
N SER A 103 -3.18 0.42 -20.29
CA SER A 103 -2.08 0.84 -21.14
C SER A 103 -1.60 2.27 -20.89
N GLY A 104 -2.48 3.20 -20.56
CA GLY A 104 -2.06 4.58 -20.42
C GLY A 104 -1.57 5.13 -21.74
N SER A 105 -0.34 5.65 -21.74
CA SER A 105 0.23 6.31 -22.91
C SER A 105 0.58 5.36 -24.04
N SER A 106 0.55 4.05 -23.81
CA SER A 106 1.01 3.11 -24.82
C SER A 106 0.17 3.16 -26.08
N VAL A 107 -1.14 3.43 -25.95
CA VAL A 107 -2.02 3.43 -27.11
C VAL A 107 -1.67 4.57 -28.06
N LEU A 108 -1.12 5.67 -27.53
CA LEU A 108 -0.76 6.80 -28.37
C LEU A 108 0.33 6.41 -29.36
N SER A 109 0.33 7.08 -30.51
CA SER A 109 1.35 6.88 -31.51
C SER A 109 2.72 7.29 -30.95
N ALA A 110 3.77 6.73 -31.56
CA ALA A 110 5.12 7.00 -31.08
C ALA A 110 5.46 8.48 -31.13
N ASP A 111 4.93 9.20 -32.11
CA ASP A 111 5.16 10.65 -32.17
C ASP A 111 4.49 11.37 -31.00
N LYS A 112 3.26 10.98 -30.67
CA LYS A 112 2.54 11.65 -29.59
C LYS A 112 3.05 11.22 -28.22
N SER A 113 3.36 9.93 -28.07
CA SER A 113 3.76 9.42 -26.76
C SER A 113 5.08 10.02 -26.30
N GLN A 114 6.03 10.20 -27.21
CA GLN A 114 7.30 10.80 -26.82
C GLN A 114 7.10 12.23 -26.35
N ARG A 115 6.20 12.98 -26.99
CA ARG A 115 5.87 14.31 -26.50
C ARG A 115 5.17 14.25 -25.16
N LEU A 116 4.24 13.30 -25.00
CA LEU A 116 3.50 13.19 -23.74
C LEU A 116 4.43 12.83 -22.58
N ASN A 117 5.29 11.82 -22.78
CA ASN A 117 6.24 11.47 -21.74
C ASN A 117 7.21 12.63 -21.48
N THR A 118 7.55 13.38 -22.52
CA THR A 118 8.28 14.63 -22.32
C THR A 118 7.47 15.62 -21.50
N ILE A 119 6.17 15.74 -21.81
CA ILE A 119 5.32 16.67 -21.07
C ILE A 119 5.23 16.27 -19.61
N LEU A 120 5.02 14.97 -19.34
CA LEU A 120 4.98 14.49 -17.97
C LEU A 120 6.31 14.76 -17.27
N ASN A 121 7.42 14.46 -17.93
CA ASN A 121 8.73 14.74 -17.37
C ASN A 121 8.96 16.24 -17.23
N ALA A 122 8.53 17.02 -18.22
CA ALA A 122 8.70 18.47 -18.13
C ALA A 122 7.93 19.05 -16.95
N MET A 123 6.69 18.60 -16.74
CA MET A 123 5.91 19.10 -15.62
C MET A 123 6.52 18.67 -14.30
N SER A 124 6.93 17.41 -14.19
CA SER A 124 7.53 16.93 -12.95
C SER A 124 8.84 17.66 -12.66
N THR A 125 9.66 17.88 -13.69
CA THR A 125 10.90 18.63 -13.49
C THR A 125 10.61 20.09 -13.18
N ILE A 126 9.60 20.69 -13.82
CA ILE A 126 9.25 22.07 -13.50
C ILE A 126 8.74 22.18 -12.06
N TYR A 127 7.92 21.22 -11.64
CA TYR A 127 7.44 21.23 -10.27
C TYR A 127 8.56 20.97 -9.27
N SER A 128 9.33 19.91 -9.49
CA SER A 128 10.35 19.51 -8.50
C SER A 128 11.54 20.45 -8.53
N THR A 129 12.08 20.73 -9.71
CA THR A 129 13.27 21.57 -9.83
C THR A 129 12.95 23.05 -9.97
N GLY A 130 11.67 23.41 -9.98
CA GLY A 130 11.30 24.80 -9.98
C GLY A 130 11.23 25.37 -8.57
N LYS A 131 11.27 26.70 -8.49
CA LYS A 131 11.30 27.37 -7.21
C LYS A 131 10.64 28.74 -7.34
N ALA A 132 10.25 29.29 -6.20
CA ALA A 132 9.70 30.63 -6.11
C ALA A 132 10.68 31.51 -5.35
N CYS A 133 10.59 32.81 -5.62
CA CYS A 133 11.54 33.77 -5.06
C CYS A 133 10.80 34.77 -4.18
N ASN A 134 11.51 35.26 -3.17
CA ASN A 134 10.99 36.34 -2.34
C ASN A 134 11.06 37.63 -3.13
N PRO A 135 9.93 38.35 -3.29
CA PRO A 135 10.02 39.69 -3.90
C PRO A 135 10.91 40.64 -3.12
N ASN A 136 10.93 40.52 -1.80
CA ASN A 136 11.83 41.32 -0.98
C ASN A 136 13.28 40.89 -1.20
N ASN A 137 13.54 39.59 -1.28
CA ASN A 137 14.88 39.05 -1.43
C ASN A 137 14.97 38.27 -2.73
N PRO A 138 15.36 38.91 -3.85
CA PRO A 138 15.52 38.16 -5.09
C PRO A 138 16.59 37.09 -5.03
N GLN A 139 17.62 37.28 -4.20
CA GLN A 139 18.68 36.29 -4.10
C GLN A 139 18.15 34.95 -3.59
N GLU A 140 17.25 34.99 -2.61
CA GLU A 140 16.66 33.76 -2.08
C GLU A 140 15.50 33.31 -2.96
N CYS A 141 15.64 32.15 -3.57
CA CYS A 141 14.58 31.53 -4.38
C CYS A 141 14.38 30.13 -3.83
N LEU A 142 13.51 30.00 -2.84
CA LEU A 142 13.36 28.74 -2.12
C LEU A 142 12.59 27.72 -2.96
N LEU A 143 12.98 26.46 -2.81
CA LEU A 143 12.20 25.36 -3.36
C LEU A 143 10.94 25.18 -2.52
N LEU A 144 10.05 24.30 -3.01
CA LEU A 144 8.87 23.98 -2.21
C LEU A 144 9.26 23.24 -0.94
N GLU A 145 10.06 22.18 -1.08
CA GLU A 145 10.49 21.36 0.04
C GLU A 145 11.98 21.52 0.25
N PRO A 146 12.45 22.04 1.38
CA PRO A 146 11.60 22.52 2.49
C PRO A 146 11.46 24.04 2.52
N GLY A 147 11.88 24.72 1.44
CA GLY A 147 11.94 26.17 1.46
C GLY A 147 10.57 26.82 1.60
N LEU A 148 9.59 26.34 0.83
CA LEU A 148 8.26 26.92 0.84
C LEU A 148 7.27 26.16 1.71
N ASP A 149 7.56 24.90 2.05
CA ASP A 149 6.74 24.20 3.03
C ASP A 149 6.85 24.86 4.40
N ASP A 150 8.06 25.31 4.76
CA ASP A 150 8.26 25.94 6.06
C ASP A 150 7.44 27.21 6.19
N ILE A 151 7.41 28.04 5.14
CA ILE A 151 6.66 29.29 5.21
C ILE A 151 5.16 29.01 5.29
N MET A 152 4.66 28.17 4.40
CA MET A 152 3.21 27.96 4.33
C MET A 152 2.68 27.28 5.59
N ALA A 153 3.43 26.35 6.15
CA ALA A 153 2.95 25.59 7.30
C ALA A 153 3.29 26.21 8.64
N ASN A 154 4.13 27.25 8.67
CA ASN A 154 4.57 27.84 9.94
C ASN A 154 4.72 29.35 9.83
N SER A 155 3.72 30.03 9.27
CA SER A 155 3.73 31.48 9.21
C SER A 155 2.44 32.05 9.79
N ARG A 156 2.52 33.32 10.18
CA ARG A 156 1.38 34.02 10.76
C ARG A 156 1.22 35.41 10.18
N ASP A 157 2.00 35.78 9.16
CA ASP A 157 1.99 37.12 8.60
C ASP A 157 1.26 37.12 7.27
N TYR A 158 0.41 38.13 7.07
CA TYR A 158 -0.35 38.23 5.82
C TYR A 158 0.58 38.41 4.63
N ASN A 159 1.59 39.27 4.77
CA ASN A 159 2.46 39.60 3.65
C ASN A 159 3.34 38.42 3.26
N GLU A 160 3.97 37.77 4.25
CA GLU A 160 4.91 36.70 3.95
C GLU A 160 4.24 35.53 3.26
N ARG A 161 3.01 35.20 3.67
CA ARG A 161 2.31 34.09 3.07
C ARG A 161 1.77 34.44 1.68
N LEU A 162 1.49 35.72 1.43
CA LEU A 162 0.84 36.10 0.17
C LEU A 162 1.73 35.82 -1.03
N TRP A 163 2.95 36.37 -1.04
CA TRP A 163 3.83 36.17 -2.20
C TRP A 163 4.30 34.72 -2.29
N ALA A 164 4.58 34.10 -1.15
CA ALA A 164 4.99 32.70 -1.18
C ALA A 164 3.87 31.79 -1.64
N TRP A 165 2.61 32.20 -1.45
CA TRP A 165 1.50 31.43 -2.00
C TRP A 165 1.38 31.63 -3.51
N GLU A 166 1.61 32.86 -3.99
CA GLU A 166 1.42 33.17 -5.39
C GLU A 166 2.69 33.06 -6.22
N GLY A 167 3.86 33.25 -5.61
CA GLY A 167 5.10 33.04 -6.33
C GLY A 167 5.26 31.62 -6.82
N TRP A 168 4.77 30.66 -6.03
CA TRP A 168 4.74 29.26 -6.45
C TRP A 168 3.75 29.00 -7.57
N ARG A 169 2.81 29.91 -7.80
CA ARG A 169 1.82 29.74 -8.86
C ARG A 169 1.98 30.72 -10.00
N SER A 170 2.81 31.76 -9.84
CA SER A 170 3.14 32.65 -10.94
C SER A 170 4.40 32.22 -11.68
N GLU A 171 5.16 31.29 -11.12
CA GLU A 171 6.34 30.75 -11.76
C GLU A 171 6.17 29.29 -12.16
N VAL A 172 5.91 28.41 -11.19
CA VAL A 172 5.73 27.00 -11.50
C VAL A 172 4.41 26.78 -12.23
N GLY A 173 3.34 27.42 -11.75
CA GLY A 173 2.03 27.16 -12.31
C GLY A 173 1.89 27.60 -13.76
N LYS A 174 2.32 28.83 -14.07
CA LYS A 174 2.13 29.34 -15.42
C LYS A 174 3.00 28.59 -16.43
N GLN A 175 4.19 28.14 -16.01
CA GLN A 175 5.04 27.35 -16.89
C GLN A 175 4.38 26.02 -17.24
N LEU A 176 3.51 25.52 -16.37
CA LEU A 176 2.75 24.31 -16.65
C LEU A 176 1.43 24.59 -17.37
N ARG A 177 1.05 25.86 -17.51
CA ARG A 177 -0.20 26.17 -18.21
C ARG A 177 -0.19 25.70 -19.65
N PRO A 178 0.80 26.03 -20.49
CA PRO A 178 0.81 25.44 -21.83
C PRO A 178 1.01 23.94 -21.83
N LEU A 179 1.80 23.43 -20.89
CA LEU A 179 2.06 21.98 -20.84
C LEU A 179 0.82 21.21 -20.41
N TYR A 180 0.00 21.80 -19.54
CA TYR A 180 -1.21 21.10 -19.10
C TYR A 180 -2.25 21.03 -20.23
N GLU A 181 -2.32 22.07 -21.06
CA GLU A 181 -3.28 22.07 -22.16
C GLU A 181 -3.04 20.92 -23.11
N GLU A 182 -1.78 20.66 -23.46
CA GLU A 182 -1.47 19.46 -24.22
C GLU A 182 -1.52 18.21 -23.36
N TYR A 183 -1.25 18.33 -22.06
CA TYR A 183 -1.49 17.22 -21.15
C TYR A 183 -2.98 16.88 -21.12
N VAL A 184 -3.84 17.89 -21.11
CA VAL A 184 -5.27 17.66 -21.25
C VAL A 184 -5.58 17.02 -22.60
N ALA A 185 -5.02 17.59 -23.68
CA ALA A 185 -5.37 17.14 -25.02
C ALA A 185 -4.86 15.72 -25.29
N LEU A 186 -3.57 15.48 -25.02
CA LEU A 186 -3.00 14.17 -25.34
C LEU A 186 -3.57 13.08 -24.45
N LYS A 187 -3.74 13.37 -23.16
CA LYS A 187 -4.31 12.37 -22.26
C LYS A 187 -5.76 12.06 -22.59
N ASN A 188 -6.49 13.05 -23.11
CA ASN A 188 -7.82 12.76 -23.63
C ASN A 188 -7.75 11.81 -24.82
N GLU A 189 -6.76 12.00 -25.70
CA GLU A 189 -6.65 11.18 -26.90
C GLU A 189 -6.37 9.72 -26.55
N MET A 190 -5.41 9.48 -25.65
CA MET A 190 -5.16 8.11 -25.22
C MET A 190 -6.35 7.55 -24.46
N ALA A 191 -7.03 8.39 -23.67
CA ALA A 191 -8.28 7.97 -23.05
C ALA A 191 -9.36 7.72 -24.09
N ARG A 192 -9.44 8.57 -25.12
CA ARG A 192 -10.37 8.34 -26.21
C ARG A 192 -9.90 7.26 -27.17
N ALA A 193 -8.63 6.86 -27.10
CA ALA A 193 -8.15 5.76 -27.94
C ALA A 193 -8.72 4.42 -27.48
N ASN A 194 -9.15 4.32 -26.24
CA ASN A 194 -10.00 3.25 -25.76
C ASN A 194 -11.43 3.78 -25.65
N ASN A 195 -12.31 2.99 -25.05
CA ASN A 195 -13.71 3.35 -24.93
C ASN A 195 -14.00 4.29 -23.77
N TYR A 196 -13.00 5.02 -23.29
CA TYR A 196 -13.19 5.98 -22.21
C TYR A 196 -13.45 7.35 -22.83
N GLU A 197 -14.61 7.93 -22.51
CA GLU A 197 -15.08 9.14 -23.19
C GLU A 197 -14.08 10.28 -23.07
N ASP A 198 -13.47 10.45 -21.91
CA ASP A 198 -12.49 11.51 -21.70
C ASP A 198 -11.45 11.04 -20.70
N TYR A 199 -10.52 11.94 -20.37
CA TYR A 199 -9.45 11.59 -19.43
C TYR A 199 -10.02 11.29 -18.04
N GLY A 200 -11.00 12.08 -17.61
CA GLY A 200 -11.59 11.83 -16.30
C GLY A 200 -12.26 10.48 -16.20
N ASP A 201 -12.97 10.06 -17.25
CA ASP A 201 -13.62 8.75 -17.24
C ASP A 201 -12.59 7.64 -17.13
N TYR A 202 -11.41 7.84 -17.71
CA TYR A 202 -10.32 6.88 -17.55
C TYR A 202 -9.85 6.83 -16.11
N TRP A 203 -9.80 7.99 -15.44
CA TRP A 203 -9.31 8.07 -14.07
C TRP A 203 -10.36 7.72 -13.03
N ARG A 204 -11.63 7.61 -13.40
CA ARG A 204 -12.66 7.10 -12.50
C ARG A 204 -12.99 5.64 -12.76
N GLY A 205 -12.20 4.98 -13.61
CA GLY A 205 -12.32 3.55 -13.83
C GLY A 205 -11.65 2.72 -12.76
N ASP A 206 -11.00 3.36 -11.79
CA ASP A 206 -10.53 2.64 -10.62
C ASP A 206 -11.69 2.14 -9.78
N TYR A 207 -12.80 2.86 -9.79
CA TYR A 207 -13.98 2.50 -9.03
C TYR A 207 -15.04 1.78 -9.86
N GLU A 208 -14.96 1.88 -11.18
CA GLU A 208 -15.91 1.19 -12.05
C GLU A 208 -15.74 -0.31 -11.90
N GLU A 209 -16.86 -1.01 -11.69
CA GLU A 209 -16.84 -2.44 -11.40
C GLU A 209 -17.89 -3.15 -12.23
N GLU A 210 -17.47 -4.22 -12.92
CA GLU A 210 -18.39 -5.19 -13.51
C GLU A 210 -18.34 -6.47 -12.68
N TRP A 211 -19.45 -6.81 -12.07
CA TRP A 211 -19.51 -7.93 -11.13
C TRP A 211 -20.97 -8.35 -11.00
N THR A 212 -21.25 -9.15 -9.98
CA THR A 212 -22.62 -9.56 -9.70
C THR A 212 -23.50 -8.34 -9.44
N ASN A 213 -24.80 -8.53 -9.59
CA ASN A 213 -25.74 -7.43 -9.42
C ASN A 213 -25.69 -6.92 -7.99
N GLY A 214 -25.77 -5.60 -7.85
CA GLY A 214 -25.67 -4.95 -6.56
C GLY A 214 -24.26 -4.68 -6.09
N TYR A 215 -23.29 -5.47 -6.53
CA TYR A 215 -21.88 -5.27 -6.22
C TYR A 215 -21.12 -4.81 -7.45
N ASN A 216 -21.75 -3.94 -8.23
CA ASN A 216 -21.13 -3.33 -9.39
C ASN A 216 -21.24 -1.82 -9.27
N TYR A 217 -20.25 -1.13 -9.80
CA TYR A 217 -20.15 0.32 -9.68
C TYR A 217 -19.94 0.91 -11.06
N SER A 218 -20.31 2.17 -11.21
CA SER A 218 -20.27 2.82 -12.51
C SER A 218 -19.40 4.07 -12.44
N ARG A 219 -18.83 4.41 -13.59
CA ARG A 219 -18.03 5.63 -13.69
C ARG A 219 -18.88 6.86 -13.42
N ASP A 220 -20.13 6.86 -13.90
CA ASP A 220 -21.04 7.97 -13.60
C ASP A 220 -21.44 7.97 -12.13
N GLN A 221 -21.59 6.79 -11.54
CA GLN A 221 -22.04 6.71 -10.15
C GLN A 221 -21.06 7.39 -9.20
N LEU A 222 -19.77 7.40 -9.53
CA LEU A 222 -18.80 8.03 -8.63
C LEU A 222 -19.07 9.52 -8.49
N ILE A 223 -19.40 10.19 -9.60
CA ILE A 223 -19.64 11.64 -9.54
C ILE A 223 -20.83 11.95 -8.65
N LYS A 224 -21.90 11.15 -8.77
CA LYS A 224 -23.06 11.34 -7.91
C LYS A 224 -22.73 11.06 -6.45
N ASP A 225 -22.01 9.98 -6.18
CA ASP A 225 -21.72 9.59 -4.80
C ASP A 225 -20.80 10.59 -4.12
N VAL A 226 -19.80 11.10 -4.83
CA VAL A 226 -18.93 12.11 -4.23
C VAL A 226 -19.71 13.37 -3.90
N GLU A 227 -20.64 13.77 -4.77
CA GLU A 227 -21.52 14.89 -4.44
C GLU A 227 -22.53 14.50 -3.37
N GLN A 228 -22.96 13.24 -3.36
CA GLN A 228 -23.92 12.80 -2.35
C GLN A 228 -23.34 12.94 -0.95
N THR A 229 -22.13 12.40 -0.73
CA THR A 229 -21.49 12.56 0.57
C THR A 229 -21.17 14.01 0.85
N PHE A 230 -20.69 14.73 -0.16
CA PHE A 230 -20.31 16.13 0.04
C PHE A 230 -21.49 16.99 0.47
N THR A 231 -22.69 16.64 0.00
CA THR A 231 -23.88 17.37 0.45
C THR A 231 -24.09 17.21 1.95
N GLN A 232 -23.90 15.98 2.46
CA GLN A 232 -24.03 15.73 3.89
C GLN A 232 -22.88 16.33 4.67
N ILE A 233 -21.69 16.38 4.09
CA ILE A 233 -20.53 16.94 4.77
C ILE A 233 -20.64 18.44 4.97
N GLN A 234 -21.31 19.14 4.05
CA GLN A 234 -21.28 20.60 4.08
C GLN A 234 -21.79 21.21 5.38
N PRO A 235 -22.91 20.77 5.96
CA PRO A 235 -23.28 21.31 7.28
C PRO A 235 -22.21 21.12 8.34
N LEU A 236 -21.57 19.95 8.36
CA LEU A 236 -20.41 19.76 9.23
C LEU A 236 -19.26 20.66 8.80
N TYR A 237 -18.97 20.68 7.49
CA TYR A 237 -17.83 21.46 7.01
C TYR A 237 -18.05 22.95 7.24
N GLU A 238 -19.23 23.46 6.88
CA GLU A 238 -19.44 24.91 6.98
C GLU A 238 -19.45 25.37 8.44
N HIS A 239 -19.95 24.53 9.35
CA HIS A 239 -19.81 24.83 10.78
C HIS A 239 -18.35 24.83 11.19
N LEU A 240 -17.59 23.83 10.74
CA LEU A 240 -16.15 23.84 10.94
C LEU A 240 -15.49 24.98 10.18
N HIS A 241 -15.98 25.27 8.98
CA HIS A 241 -15.49 26.40 8.20
C HIS A 241 -15.70 27.71 8.94
N ALA A 242 -16.85 27.85 9.61
CA ALA A 242 -17.15 29.10 10.29
C ALA A 242 -16.31 29.30 11.54
N TYR A 243 -16.14 28.25 12.36
CA TYR A 243 -15.37 28.40 13.59
C TYR A 243 -13.89 28.62 13.28
N VAL A 244 -13.35 27.90 12.30
CA VAL A 244 -11.98 28.14 11.88
C VAL A 244 -11.83 29.58 11.37
N ARG A 245 -12.81 30.04 10.59
CA ARG A 245 -12.80 31.43 10.15
C ARG A 245 -12.91 32.40 11.32
N ALA A 246 -13.80 32.10 12.27
CA ALA A 246 -14.00 33.01 13.39
C ALA A 246 -12.75 33.14 14.25
N LYS A 247 -12.04 32.02 14.47
CA LYS A 247 -10.76 32.08 15.16
C LYS A 247 -9.68 32.72 14.30
N LEU A 248 -9.73 32.47 12.99
CA LEU A 248 -8.73 33.05 12.09
C LEU A 248 -8.82 34.58 12.07
N MET A 249 -10.04 35.12 12.13
CA MET A 249 -10.20 36.57 12.05
C MET A 249 -9.48 37.29 13.19
N ASP A 250 -9.30 36.61 14.33
CA ASP A 250 -8.49 37.18 15.40
C ASP A 250 -7.02 37.22 14.99
N THR A 251 -6.55 36.20 14.29
CA THR A 251 -5.16 36.19 13.82
C THR A 251 -4.92 37.25 12.77
N TYR A 252 -5.91 37.49 11.89
CA TYR A 252 -5.80 38.44 10.80
C TYR A 252 -6.95 39.44 10.94
N PRO A 253 -6.83 40.41 11.84
CA PRO A 253 -7.92 41.37 12.05
C PRO A 253 -7.97 42.41 10.93
N SER A 254 -9.18 42.70 10.47
CA SER A 254 -9.48 43.67 9.42
C SER A 254 -8.94 43.27 8.06
N HIS A 255 -8.29 42.10 7.95
CA HIS A 255 -7.78 41.61 6.68
C HIS A 255 -8.68 40.57 6.03
N MET A 256 -9.76 40.18 6.71
CA MET A 256 -10.72 39.22 6.18
C MET A 256 -12.12 39.68 6.55
N SER A 257 -13.11 39.22 5.78
CA SER A 257 -14.46 39.65 6.13
C SER A 257 -15.10 38.64 7.08
N PRO A 258 -15.90 39.13 8.04
CA PRO A 258 -16.51 38.19 9.01
C PRO A 258 -17.32 37.10 8.36
N THR A 259 -18.07 37.41 7.30
CA THR A 259 -18.86 36.41 6.60
C THR A 259 -18.25 35.98 5.28
N GLY A 260 -17.09 36.52 4.92
CA GLY A 260 -16.47 36.16 3.67
C GLY A 260 -15.86 34.77 3.69
N CYS A 261 -15.70 34.21 2.50
CA CYS A 261 -15.06 32.90 2.36
C CYS A 261 -13.57 33.01 2.63
N LEU A 262 -12.97 31.88 3.00
CA LEU A 262 -11.60 31.87 3.47
C LEU A 262 -10.62 32.15 2.33
N PRO A 263 -9.64 33.01 2.54
CA PRO A 263 -8.56 33.14 1.54
C PRO A 263 -7.71 31.88 1.47
N ALA A 264 -6.92 31.79 0.42
CA ALA A 264 -6.15 30.57 0.15
C ALA A 264 -4.75 30.59 0.74
N HIS A 265 -4.23 31.75 1.13
CA HIS A 265 -2.87 31.81 1.65
C HIS A 265 -2.79 31.72 3.17
N LEU A 266 -3.92 31.53 3.85
CA LEU A 266 -3.92 31.20 5.27
C LEU A 266 -4.77 29.94 5.42
N LEU A 267 -4.17 28.78 5.17
CA LEU A 267 -4.88 27.52 5.34
C LEU A 267 -3.98 26.41 5.87
N GLY A 268 -2.85 26.75 6.47
CA GLY A 268 -1.95 25.77 7.03
C GLY A 268 -0.97 25.14 6.06
N ASP A 269 -1.05 25.46 4.77
CA ASP A 269 -0.10 24.94 3.79
C ASP A 269 -0.32 25.70 2.48
N MET A 270 0.42 25.31 1.45
CA MET A 270 0.42 26.03 0.18
C MET A 270 -0.94 25.97 -0.50
N TRP A 271 -1.36 24.77 -0.90
CA TRP A 271 -2.57 24.64 -1.70
C TRP A 271 -3.82 24.79 -0.86
N GLY A 272 -3.77 24.38 0.41
CA GLY A 272 -4.94 24.25 1.22
C GLY A 272 -5.39 22.82 1.43
N ARG A 273 -4.51 21.85 1.24
CA ARG A 273 -4.89 20.45 1.32
C ARG A 273 -5.30 20.07 2.75
N PHE A 274 -4.61 20.60 3.75
CA PHE A 274 -4.93 20.32 5.14
C PHE A 274 -4.89 21.63 5.92
N TRP A 275 -5.69 21.69 6.98
CA TRP A 275 -5.73 22.84 7.87
C TRP A 275 -5.02 22.56 9.20
N THR A 276 -4.22 21.48 9.24
CA THR A 276 -3.63 21.01 10.49
C THR A 276 -2.67 22.01 11.12
N ASN A 277 -2.06 22.88 10.34
CA ASN A 277 -1.11 23.85 10.85
C ASN A 277 -1.77 25.09 11.41
N LEU A 278 -3.09 25.17 11.37
CA LEU A 278 -3.84 26.24 12.01
C LEU A 278 -4.19 25.94 13.46
N TYR A 279 -3.84 24.75 13.96
CA TYR A 279 -4.18 24.40 15.33
C TYR A 279 -3.60 25.36 16.37
N PRO A 280 -2.34 25.80 16.30
CA PRO A 280 -1.85 26.71 17.34
C PRO A 280 -2.64 28.00 17.47
N LEU A 281 -3.15 28.53 16.35
CA LEU A 281 -3.97 29.75 16.41
C LEU A 281 -5.46 29.46 16.51
N THR A 282 -5.87 28.21 16.35
CA THR A 282 -7.27 27.81 16.46
C THR A 282 -7.41 26.64 17.43
N VAL A 283 -6.79 26.77 18.60
CA VAL A 283 -6.85 25.74 19.63
C VAL A 283 -8.08 26.03 20.50
N PRO A 284 -9.01 25.08 20.64
CA PRO A 284 -10.22 25.35 21.43
C PRO A 284 -9.92 25.79 22.86
N PHE A 285 -9.12 25.02 23.58
CA PHE A 285 -8.75 25.34 24.95
C PHE A 285 -7.22 25.43 25.00
N GLY A 286 -6.70 26.64 24.89
CA GLY A 286 -5.26 26.82 24.86
C GLY A 286 -4.59 26.40 26.16
N GLN A 287 -5.25 26.63 27.29
CA GLN A 287 -4.65 26.32 28.58
C GLN A 287 -4.37 24.83 28.73
N LYS A 288 -5.30 23.98 28.32
CA LYS A 288 -5.12 22.55 28.44
C LYS A 288 -4.10 22.06 27.42
N PRO A 289 -3.00 21.44 27.83
CA PRO A 289 -2.03 20.92 26.87
C PRO A 289 -2.55 19.69 26.16
N ASN A 290 -1.96 19.42 25.00
CA ASN A 290 -2.30 18.25 24.21
C ASN A 290 -1.55 17.04 24.75
N ILE A 291 -2.21 15.89 24.79
CA ILE A 291 -1.62 14.70 25.40
C ILE A 291 -0.30 14.38 24.69
N ASP A 292 0.74 14.14 25.50
CA ASP A 292 2.07 13.84 24.98
C ASP A 292 2.75 12.87 25.92
N VAL A 293 3.11 11.70 25.42
CA VAL A 293 3.81 10.69 26.21
C VAL A 293 5.29 10.63 25.85
N THR A 294 5.83 11.67 25.22
CA THR A 294 7.24 11.66 24.86
C THR A 294 8.13 11.66 26.09
N ASP A 295 7.86 12.55 27.04
CA ASP A 295 8.76 12.71 28.18
C ASP A 295 8.83 11.46 29.04
N THR A 296 7.68 10.80 29.28
CA THR A 296 7.71 9.57 30.05
C THR A 296 8.40 8.44 29.28
N MET A 297 8.28 8.43 27.96
CA MET A 297 8.89 7.37 27.17
C MET A 297 10.42 7.42 27.25
N VAL A 298 11.00 8.62 27.26
CA VAL A 298 12.45 8.72 27.46
C VAL A 298 12.81 8.32 28.89
N ASN A 299 11.90 8.53 29.84
CA ASN A 299 12.15 8.13 31.22
C ASN A 299 11.91 6.65 31.46
N GLN A 300 11.27 5.95 30.53
CA GLN A 300 11.20 4.51 30.55
C GLN A 300 12.22 3.87 29.62
N SER A 301 13.14 4.67 29.08
CA SER A 301 14.29 4.19 28.30
C SER A 301 13.87 3.44 27.04
N TRP A 302 12.78 3.87 26.40
CA TRP A 302 12.46 3.38 25.07
C TRP A 302 13.28 4.18 24.06
N ASP A 303 14.13 3.50 23.30
CA ASP A 303 14.94 4.25 22.34
C ASP A 303 14.33 4.26 20.94
N ALA A 304 14.36 3.11 20.26
CA ALA A 304 13.66 2.96 19.00
C ALA A 304 13.04 1.58 18.88
N ARG A 305 13.61 0.60 19.59
CA ARG A 305 13.17 -0.78 19.45
C ARG A 305 11.87 -1.02 20.20
N ARG A 306 11.71 -0.38 21.36
CA ARG A 306 10.50 -0.58 22.15
C ARG A 306 9.28 -0.08 21.40
N ILE A 307 9.42 1.01 20.66
CA ILE A 307 8.29 1.57 19.91
C ILE A 307 7.71 0.53 18.95
N PHE A 308 8.57 -0.15 18.21
CA PHE A 308 8.10 -1.16 17.27
C PHE A 308 7.76 -2.48 17.95
N GLU A 309 8.35 -2.76 19.11
CA GLU A 309 7.95 -3.94 19.86
C GLU A 309 6.62 -3.72 20.55
N GLU A 310 6.40 -2.53 21.11
CA GLU A 310 5.11 -2.22 21.73
C GLU A 310 4.01 -2.10 20.69
N ALA A 311 4.31 -1.46 19.55
CA ALA A 311 3.35 -1.44 18.45
C ALA A 311 3.05 -2.84 17.96
N GLU A 312 4.04 -3.73 18.00
CA GLU A 312 3.78 -5.14 17.73
C GLU A 312 2.81 -5.71 18.75
N LYS A 313 2.97 -5.34 20.03
CA LYS A 313 2.03 -5.78 21.05
C LYS A 313 0.65 -5.19 20.85
N PHE A 314 0.56 -3.93 20.44
CA PHE A 314 -0.74 -3.32 20.20
C PHE A 314 -1.49 -4.03 19.09
N PHE A 315 -0.82 -4.28 17.96
CA PHE A 315 -1.45 -5.03 16.88
C PHE A 315 -1.71 -6.47 17.29
N VAL A 316 -0.88 -7.03 18.15
CA VAL A 316 -1.13 -8.39 18.64
C VAL A 316 -2.32 -8.41 19.59
N SER A 317 -2.56 -7.30 20.29
CA SER A 317 -3.70 -7.24 21.21
C SER A 317 -5.01 -7.38 20.46
N VAL A 318 -5.15 -6.71 19.32
CA VAL A 318 -6.39 -6.80 18.53
C VAL A 318 -6.48 -8.09 17.74
N GLY A 319 -5.53 -9.01 17.91
CA GLY A 319 -5.56 -10.25 17.18
C GLY A 319 -4.96 -10.19 15.78
N LEU A 320 -4.04 -9.26 15.54
CA LEU A 320 -3.33 -9.23 14.27
C LEU A 320 -1.94 -9.83 14.43
N PRO A 321 -1.43 -10.50 13.40
CA PRO A 321 -0.14 -11.20 13.55
C PRO A 321 0.99 -10.25 13.87
N ASN A 322 1.99 -10.77 14.58
CA ASN A 322 3.16 -10.00 14.95
C ASN A 322 4.15 -9.91 13.80
N MET A 323 5.06 -8.94 13.90
CA MET A 323 6.01 -8.71 12.83
C MET A 323 6.97 -9.89 12.69
N THR A 324 7.30 -10.23 11.44
CA THR A 324 8.06 -11.43 11.16
C THR A 324 9.51 -11.28 11.64
N GLN A 325 10.22 -12.41 11.63
CA GLN A 325 11.62 -12.40 12.02
C GLN A 325 12.46 -11.54 11.08
N GLY A 326 12.23 -11.68 9.78
CA GLY A 326 12.99 -10.90 8.81
C GLY A 326 12.77 -9.40 8.93
N PHE A 327 11.60 -8.99 9.44
CA PHE A 327 11.30 -7.57 9.54
C PHE A 327 12.27 -6.85 10.47
N TRP A 328 12.64 -7.49 11.58
CA TRP A 328 13.43 -6.79 12.59
C TRP A 328 14.84 -6.49 12.11
N GLU A 329 15.50 -7.47 11.47
CA GLU A 329 16.88 -7.27 11.04
C GLU A 329 16.96 -6.45 9.76
N ASN A 330 16.17 -6.84 8.74
CA ASN A 330 16.30 -6.23 7.42
C ASN A 330 15.89 -4.76 7.43
N SER A 331 14.88 -4.42 8.22
CA SER A 331 14.34 -3.07 8.17
C SER A 331 15.29 -2.09 8.85
N MET A 332 15.23 -0.84 8.40
CA MET A 332 16.01 0.24 8.97
C MET A 332 15.14 0.96 10.00
N LEU A 333 15.46 0.77 11.27
CA LEU A 333 14.66 1.32 12.36
C LEU A 333 15.35 2.45 13.10
N THR A 334 16.55 2.85 12.67
CA THR A 334 17.19 4.04 13.19
C THR A 334 18.02 4.68 12.09
N GLU A 335 18.18 6.00 12.18
CA GLU A 335 19.06 6.71 11.26
C GLU A 335 20.50 6.25 11.50
N PRO A 336 21.23 5.84 10.46
CA PRO A 336 22.56 5.27 10.67
C PRO A 336 23.52 6.27 11.30
N GLY A 337 24.29 5.78 12.26
CA GLY A 337 25.31 6.61 12.87
C GLY A 337 26.44 6.93 11.92
N ASP A 338 26.83 5.97 11.08
CA ASP A 338 27.92 6.16 10.14
C ASP A 338 27.51 7.10 9.01
N SER A 339 28.49 7.49 8.21
CA SER A 339 28.27 8.44 7.11
C SER A 339 27.60 7.70 5.96
N ARG A 340 26.30 7.48 6.11
CA ARG A 340 25.47 6.90 5.06
C ARG A 340 24.20 7.74 4.95
N LYS A 341 24.08 8.48 3.86
CA LYS A 341 22.92 9.35 3.68
C LYS A 341 21.68 8.52 3.35
N VAL A 342 20.58 8.82 4.02
CA VAL A 342 19.32 8.10 3.84
C VAL A 342 18.18 9.09 3.77
N VAL A 343 17.05 8.64 3.24
CA VAL A 343 15.82 9.43 3.22
C VAL A 343 15.01 9.09 4.47
N CYS A 344 14.73 10.10 5.27
CA CYS A 344 14.09 9.89 6.56
C CYS A 344 12.58 9.78 6.48
N HIS A 345 11.99 9.93 5.30
CA HIS A 345 10.54 9.80 5.17
C HIS A 345 10.12 8.38 5.52
N PRO A 346 9.21 8.19 6.49
CA PRO A 346 8.79 6.84 6.84
C PRO A 346 8.07 6.17 5.68
N THR A 347 8.27 4.86 5.55
CA THR A 347 7.67 4.08 4.48
C THR A 347 7.58 2.64 4.92
N ALA A 348 6.43 2.01 4.65
CA ALA A 348 6.22 0.60 4.95
C ALA A 348 6.49 -0.18 3.66
N TRP A 349 7.74 -0.59 3.50
CA TRP A 349 8.18 -1.21 2.25
C TRP A 349 7.68 -2.64 2.18
N ASP A 350 6.82 -2.91 1.19
CA ASP A 350 6.49 -4.27 0.80
C ASP A 350 7.35 -4.58 -0.43
N LEU A 351 8.44 -5.31 -0.22
CA LEU A 351 9.39 -5.58 -1.30
C LEU A 351 9.01 -6.80 -2.11
N GLY A 352 7.99 -7.54 -1.70
CA GLY A 352 7.69 -8.81 -2.31
C GLY A 352 8.50 -9.94 -1.67
N LYS A 353 8.02 -11.16 -1.88
CA LYS A 353 8.62 -12.34 -1.26
C LYS A 353 8.68 -12.19 0.26
N HIS A 354 7.60 -11.66 0.84
CA HIS A 354 7.47 -11.50 2.29
C HIS A 354 8.61 -10.67 2.88
N ASP A 355 9.16 -9.76 2.10
CA ASP A 355 10.20 -8.86 2.59
C ASP A 355 9.59 -7.54 3.05
N PHE A 356 8.78 -7.63 4.09
CA PHE A 356 8.18 -6.45 4.68
C PHE A 356 9.22 -5.71 5.52
N ARG A 357 9.34 -4.40 5.28
CA ARG A 357 10.33 -3.59 5.98
C ARG A 357 9.74 -2.23 6.29
N ILE A 358 10.28 -1.60 7.33
CA ILE A 358 9.99 -0.22 7.66
C ILE A 358 11.29 0.55 7.66
N LYS A 359 11.34 1.64 6.90
CA LYS A 359 12.42 2.60 6.96
C LYS A 359 11.92 3.84 7.67
N MET A 360 12.55 4.20 8.79
CA MET A 360 12.04 5.29 9.60
C MET A 360 13.16 5.84 10.48
N CYS A 361 13.37 7.15 10.42
CA CYS A 361 14.26 7.84 11.35
C CYS A 361 13.46 8.16 12.61
N THR A 362 13.23 7.12 13.41
CA THR A 362 12.38 7.25 14.59
C THR A 362 13.22 7.68 15.79
N LYS A 363 12.96 8.88 16.29
CA LYS A 363 13.50 9.33 17.55
C LYS A 363 12.51 8.99 18.66
N VAL A 364 12.82 9.39 19.89
CA VAL A 364 11.95 9.09 21.03
C VAL A 364 10.91 10.21 21.09
N THR A 365 9.81 10.01 20.37
CA THR A 365 8.71 10.95 20.33
C THR A 365 7.42 10.17 20.11
N MET A 366 6.29 10.74 20.58
CA MET A 366 5.01 10.07 20.41
C MET A 366 4.59 10.03 18.95
N ASP A 367 4.93 11.07 18.19
CA ASP A 367 4.55 11.10 16.78
C ASP A 367 5.17 9.94 16.02
N ASP A 368 6.45 9.65 16.27
CA ASP A 368 7.05 8.44 15.72
C ASP A 368 6.42 7.19 16.32
N PHE A 369 6.02 7.26 17.59
CA PHE A 369 5.29 6.16 18.20
C PHE A 369 3.96 5.92 17.50
N LEU A 370 3.24 6.99 17.16
CA LEU A 370 2.00 6.83 16.40
C LEU A 370 2.28 6.45 14.95
N THR A 371 3.31 7.05 14.34
CA THR A 371 3.65 6.72 12.97
C THR A 371 4.07 5.26 12.84
N ALA A 372 4.80 4.75 13.83
CA ALA A 372 5.17 3.33 13.81
C ALA A 372 3.95 2.43 13.84
N HIS A 373 2.86 2.89 14.46
CA HIS A 373 1.60 2.16 14.36
C HIS A 373 0.95 2.36 13.00
N HIS A 374 1.08 3.56 12.44
CA HIS A 374 0.57 3.86 11.10
C HIS A 374 1.25 2.99 10.06
N GLU A 375 2.58 3.12 9.94
CA GLU A 375 3.32 2.37 8.95
C GLU A 375 3.15 0.87 9.13
N MET A 376 3.16 0.39 10.37
CA MET A 376 2.92 -1.03 10.60
C MET A 376 1.50 -1.44 10.26
N GLY A 377 0.56 -0.49 10.24
CA GLY A 377 -0.76 -0.79 9.70
C GLY A 377 -0.73 -1.07 8.23
N HIS A 378 0.13 -0.38 7.48
CA HIS A 378 0.36 -0.71 6.09
C HIS A 378 0.98 -2.11 5.95
N ILE A 379 1.91 -2.44 6.85
CA ILE A 379 2.53 -3.76 6.79
C ILE A 379 1.53 -4.85 7.16
N GLN A 380 0.63 -4.58 8.10
CA GLN A 380 -0.38 -5.57 8.44
C GLN A 380 -1.33 -5.79 7.27
N TYR A 381 -1.67 -4.71 6.55
CA TYR A 381 -2.39 -4.86 5.30
C TYR A 381 -1.56 -5.60 4.27
N ASP A 382 -0.27 -5.25 4.16
CA ASP A 382 0.60 -5.89 3.18
C ASP A 382 0.74 -7.39 3.46
N MET A 383 0.92 -7.76 4.73
CA MET A 383 1.00 -9.17 5.08
C MET A 383 -0.32 -9.87 4.82
N ALA A 384 -1.43 -9.16 4.95
CA ALA A 384 -2.74 -9.79 4.81
C ALA A 384 -3.02 -10.18 3.36
N TYR A 385 -2.82 -9.26 2.42
CA TYR A 385 -3.10 -9.58 1.03
C TYR A 385 -1.90 -10.17 0.30
N ALA A 386 -0.79 -10.42 0.99
CA ALA A 386 0.38 -11.01 0.34
C ALA A 386 0.07 -12.38 -0.26
N ALA A 387 -0.98 -13.05 0.19
CA ALA A 387 -1.38 -14.32 -0.39
C ALA A 387 -2.18 -14.16 -1.67
N GLN A 388 -2.64 -12.95 -1.98
CA GLN A 388 -3.35 -12.71 -3.22
C GLN A 388 -2.36 -12.72 -4.39
N PRO A 389 -2.85 -12.95 -5.61
CA PRO A 389 -1.96 -12.93 -6.78
C PRO A 389 -1.24 -11.59 -6.93
N PHE A 390 -0.19 -11.61 -7.75
CA PHE A 390 0.70 -10.45 -7.84
C PHE A 390 -0.05 -9.19 -8.28
N LEU A 391 -0.95 -9.33 -9.25
CA LEU A 391 -1.69 -8.17 -9.72
C LEU A 391 -2.69 -7.69 -8.68
N LEU A 392 -3.29 -8.61 -7.92
CA LEU A 392 -4.37 -8.29 -7.01
C LEU A 392 -3.91 -7.94 -5.61
N ARG A 393 -2.61 -8.02 -5.30
CA ARG A 393 -2.14 -7.71 -3.96
C ARG A 393 -1.97 -6.20 -3.82
N ASN A 394 -3.12 -5.54 -3.63
CA ASN A 394 -3.17 -4.11 -3.35
C ASN A 394 -4.46 -3.83 -2.57
N GLY A 395 -4.69 -2.55 -2.26
CA GLY A 395 -5.93 -2.18 -1.63
C GLY A 395 -7.12 -2.42 -2.55
N ALA A 396 -8.29 -2.58 -1.93
CA ALA A 396 -9.50 -2.86 -2.70
C ALA A 396 -9.73 -1.80 -3.76
N ASN A 397 -9.55 -0.53 -3.41
CA ASN A 397 -9.36 0.53 -4.39
C ASN A 397 -8.16 1.36 -3.97
N GLU A 398 -7.93 2.46 -4.69
CA GLU A 398 -6.76 3.28 -4.43
C GLU A 398 -6.77 3.89 -3.04
N GLY A 399 -7.94 4.06 -2.43
CA GLY A 399 -8.06 4.67 -1.13
C GLY A 399 -8.21 3.71 0.04
N PHE A 400 -7.97 2.42 -0.15
CA PHE A 400 -8.16 1.44 0.91
C PHE A 400 -6.90 1.18 1.73
N HIS A 401 -5.72 1.36 1.15
CA HIS A 401 -4.49 1.03 1.87
C HIS A 401 -4.11 2.10 2.88
N GLU A 402 -4.35 3.37 2.54
CA GLU A 402 -4.04 4.44 3.49
C GLU A 402 -5.07 4.51 4.62
N ALA A 403 -6.33 4.16 4.32
CA ALA A 403 -7.37 4.18 5.33
C ALA A 403 -7.06 3.23 6.48
N VAL A 404 -6.57 2.03 6.15
CA VAL A 404 -6.31 1.04 7.18
C VAL A 404 -5.17 1.50 8.10
N GLY A 405 -4.14 2.10 7.54
CA GLY A 405 -3.07 2.62 8.37
C GLY A 405 -3.53 3.74 9.29
N GLU A 406 -4.45 4.57 8.80
CA GLU A 406 -4.88 5.73 9.57
C GLU A 406 -5.66 5.34 10.82
N ILE A 407 -6.53 4.33 10.73
CA ILE A 407 -7.34 3.95 11.87
C ILE A 407 -6.46 3.43 13.01
N MET A 408 -5.31 2.83 12.68
CA MET A 408 -4.42 2.34 13.72
C MET A 408 -3.84 3.50 14.54
N SER A 409 -3.52 4.61 13.89
CA SER A 409 -3.03 5.78 14.61
C SER A 409 -4.09 6.37 15.52
N LEU A 410 -5.35 6.36 15.10
CA LEU A 410 -6.42 6.87 15.94
C LEU A 410 -6.56 6.07 17.22
N SER A 411 -6.51 4.73 17.12
CA SER A 411 -6.64 3.90 18.31
C SER A 411 -5.42 4.02 19.22
N ALA A 412 -4.22 4.11 18.62
CA ALA A 412 -3.00 4.15 19.43
C ALA A 412 -2.89 5.44 20.22
N ALA A 413 -3.41 6.55 19.69
CA ALA A 413 -3.27 7.85 20.33
C ALA A 413 -4.32 8.11 21.41
N THR A 414 -5.23 7.17 21.64
CA THR A 414 -6.26 7.37 22.65
C THR A 414 -5.65 7.31 24.05
N PRO A 415 -6.05 8.20 24.95
CA PRO A 415 -5.56 8.11 26.34
C PRO A 415 -5.92 6.79 27.02
N LYS A 416 -6.98 6.13 26.55
CA LYS A 416 -7.32 4.81 27.10
C LYS A 416 -6.22 3.79 26.81
N HIS A 417 -5.69 3.80 25.58
CA HIS A 417 -4.65 2.85 25.21
C HIS A 417 -3.33 3.16 25.92
N LEU A 418 -2.98 4.44 26.02
CA LEU A 418 -1.71 4.81 26.64
C LEU A 418 -1.65 4.40 28.10
N LYS A 419 -2.81 4.38 28.78
CA LYS A 419 -2.86 3.91 30.16
C LYS A 419 -2.47 2.44 30.26
N ASN A 420 -2.93 1.63 29.30
CA ASN A 420 -2.65 0.19 29.35
C ASN A 420 -1.16 -0.10 29.25
N ILE A 421 -0.45 0.60 28.37
CA ILE A 421 0.96 0.30 28.11
C ILE A 421 1.90 0.99 29.07
N GLY A 422 1.38 1.72 30.06
CA GLY A 422 2.22 2.33 31.06
C GLY A 422 2.80 3.67 30.69
N LEU A 423 2.33 4.30 29.61
CA LEU A 423 2.77 5.64 29.23
C LEU A 423 2.01 6.74 29.93
N LEU A 424 1.02 6.40 30.74
CA LEU A 424 0.22 7.36 31.49
C LEU A 424 0.15 6.93 32.95
N PRO A 425 0.00 7.88 33.87
CA PRO A 425 -0.14 7.51 35.27
C PRO A 425 -1.40 6.69 35.49
N PRO A 426 -1.41 5.82 36.50
CA PRO A 426 -2.61 4.99 36.73
C PRO A 426 -3.87 5.81 36.93
N GLY A 427 -3.76 6.98 37.58
CA GLY A 427 -4.88 7.89 37.67
C GLY A 427 -4.57 9.20 36.99
N PHE A 428 -5.27 9.49 35.90
CA PHE A 428 -5.01 10.68 35.10
C PHE A 428 -6.31 11.35 34.75
N SER A 429 -6.24 12.66 34.52
CA SER A 429 -7.43 13.46 34.22
C SER A 429 -7.74 13.33 32.74
N GLU A 430 -8.74 12.50 32.41
CA GLU A 430 -9.24 12.42 31.04
C GLU A 430 -10.29 13.52 30.88
N ASP A 431 -9.80 14.76 30.83
CA ASP A 431 -10.66 15.93 30.83
C ASP A 431 -11.42 16.05 29.51
N ASN A 432 -12.62 16.62 29.60
CA ASN A 432 -13.44 16.84 28.41
C ASN A 432 -12.92 17.99 27.55
N GLU A 433 -12.18 18.92 28.13
CA GLU A 433 -11.59 19.99 27.33
C GLU A 433 -10.50 19.47 26.40
N THR A 434 -9.76 18.45 26.83
CA THR A 434 -8.71 17.87 26.00
C THR A 434 -9.25 16.94 24.92
N ASP A 435 -10.55 16.69 24.91
CA ASP A 435 -11.18 15.95 23.82
C ASP A 435 -11.62 16.86 22.69
N ILE A 436 -12.04 18.08 23.02
CA ILE A 436 -12.33 19.06 21.98
C ILE A 436 -11.05 19.49 21.29
N ASN A 437 -9.96 19.62 22.04
CA ASN A 437 -8.67 19.90 21.43
C ASN A 437 -8.23 18.76 20.50
N PHE A 438 -8.42 17.52 20.94
CA PHE A 438 -8.06 16.39 20.09
C PHE A 438 -8.99 16.30 18.88
N LEU A 439 -10.30 16.43 19.10
CA LEU A 439 -11.26 16.33 18.00
C LEU A 439 -11.07 17.45 16.98
N PHE A 440 -10.86 18.68 17.47
CA PHE A 440 -10.71 19.79 16.54
C PHE A 440 -9.41 19.70 15.75
N LYS A 441 -8.35 19.17 16.36
CA LYS A 441 -7.12 18.95 15.61
C LYS A 441 -7.27 17.79 14.64
N GLN A 442 -8.21 16.88 14.88
CA GLN A 442 -8.52 15.81 13.94
C GLN A 442 -9.50 16.24 12.86
N ALA A 443 -10.14 17.40 13.00
CA ALA A 443 -11.00 17.93 11.95
C ALA A 443 -10.27 18.87 11.01
N LEU A 444 -9.19 19.50 11.47
CA LEU A 444 -8.39 20.32 10.59
C LEU A 444 -7.72 19.50 9.49
N THR A 445 -7.63 18.19 9.68
CA THR A 445 -7.05 17.28 8.69
C THR A 445 -8.11 16.52 7.92
N ILE A 446 -9.08 15.93 8.61
CA ILE A 446 -10.05 15.07 7.96
C ILE A 446 -11.02 15.87 7.11
N VAL A 447 -11.67 16.87 7.71
CA VAL A 447 -12.68 17.64 6.98
C VAL A 447 -12.07 18.86 6.29
N GLY A 448 -10.86 19.27 6.66
CA GLY A 448 -10.18 20.32 5.92
C GLY A 448 -9.77 19.91 4.52
N THR A 449 -9.76 18.61 4.23
CA THR A 449 -9.38 18.11 2.92
C THR A 449 -10.53 17.56 2.10
N LEU A 450 -11.67 17.26 2.73
CA LEU A 450 -12.79 16.68 1.98
C LEU A 450 -13.32 17.62 0.89
N PRO A 451 -13.56 18.91 1.15
CA PRO A 451 -13.97 19.77 0.03
C PRO A 451 -12.90 19.98 -1.01
N PHE A 452 -11.63 20.14 -0.58
CA PHE A 452 -10.55 20.32 -1.54
C PHE A 452 -10.36 19.09 -2.41
N THR A 453 -10.47 17.90 -1.82
CA THR A 453 -10.32 16.65 -2.55
C THR A 453 -11.50 16.39 -3.49
N TYR A 454 -12.58 17.16 -3.38
CA TYR A 454 -13.72 17.04 -4.27
C TYR A 454 -13.75 18.09 -5.37
N MET A 455 -13.27 19.31 -5.10
CA MET A 455 -13.20 20.33 -6.14
C MET A 455 -12.26 19.89 -7.25
N LEU A 456 -11.12 19.30 -6.88
CA LEU A 456 -10.08 18.97 -7.86
C LEU A 456 -10.63 18.04 -8.94
N GLU A 457 -11.22 16.92 -8.54
CA GLU A 457 -11.83 16.03 -9.52
C GLU A 457 -13.00 16.70 -10.22
N LYS A 458 -13.79 17.48 -9.48
CA LYS A 458 -14.87 18.23 -10.10
C LYS A 458 -14.31 19.22 -11.12
N TRP A 459 -13.24 19.94 -10.76
CA TRP A 459 -12.62 20.86 -11.71
C TRP A 459 -12.00 20.11 -12.89
N ARG A 460 -11.31 19.01 -12.62
CA ARG A 460 -10.57 18.33 -13.67
C ARG A 460 -11.48 17.53 -14.60
N TRP A 461 -12.49 16.84 -14.06
CA TRP A 461 -13.37 16.06 -14.93
C TRP A 461 -14.20 16.93 -15.85
N MET A 462 -14.30 18.22 -15.57
CA MET A 462 -14.88 19.17 -16.52
C MET A 462 -13.82 19.72 -17.46
N VAL A 463 -12.62 19.99 -16.94
CA VAL A 463 -11.50 20.38 -17.79
C VAL A 463 -11.15 19.27 -18.77
N PHE A 464 -11.10 18.03 -18.29
CA PHE A 464 -10.88 16.91 -19.19
C PHE A 464 -12.04 16.77 -20.17
N LYS A 465 -13.24 17.21 -19.78
CA LYS A 465 -14.37 17.31 -20.68
C LYS A 465 -14.43 18.63 -21.42
N GLY A 466 -13.59 19.60 -21.05
CA GLY A 466 -13.57 20.89 -21.70
C GLY A 466 -14.65 21.85 -21.26
N GLU A 467 -15.39 21.52 -20.20
CA GLU A 467 -16.52 22.34 -19.79
C GLU A 467 -16.12 23.67 -19.17
N ILE A 468 -14.84 23.89 -18.89
CA ILE A 468 -14.37 25.13 -18.29
C ILE A 468 -13.61 25.91 -19.36
N PRO A 469 -13.94 27.18 -19.58
CA PRO A 469 -13.27 27.95 -20.64
C PRO A 469 -11.77 28.05 -20.40
N LYS A 470 -11.02 28.08 -21.50
CA LYS A 470 -9.56 28.15 -21.39
C LYS A 470 -9.12 29.45 -20.72
N GLU A 471 -9.80 30.55 -21.02
CA GLU A 471 -9.51 31.81 -20.33
C GLU A 471 -9.98 31.76 -18.88
N GLN A 472 -11.10 31.10 -18.63
CA GLN A 472 -11.65 30.99 -17.28
C GLN A 472 -11.21 29.73 -16.57
N TRP A 473 -10.17 29.06 -17.05
CA TRP A 473 -9.61 27.92 -16.32
C TRP A 473 -9.25 28.32 -14.89
N MET A 474 -8.67 29.51 -14.73
CA MET A 474 -8.36 30.05 -13.41
C MET A 474 -9.31 31.16 -13.00
N LYS A 475 -10.44 31.30 -13.71
CA LYS A 475 -11.55 32.12 -13.26
C LYS A 475 -12.77 31.28 -12.93
N LYS A 476 -12.88 30.06 -13.46
CA LYS A 476 -13.79 29.05 -12.96
C LYS A 476 -13.11 28.17 -11.92
N TRP A 477 -11.89 28.55 -11.50
CA TRP A 477 -11.19 27.89 -10.41
C TRP A 477 -11.64 28.47 -9.08
N TRP A 478 -11.53 29.79 -8.94
CA TRP A 478 -12.10 30.45 -7.76
C TRP A 478 -13.62 30.37 -7.77
N GLU A 479 -14.23 30.47 -8.95
CA GLU A 479 -15.68 30.28 -9.06
C GLU A 479 -16.09 28.93 -8.49
N MET A 480 -15.37 27.87 -8.86
CA MET A 480 -15.60 26.56 -8.24
C MET A 480 -15.15 26.56 -6.78
N LYS A 481 -14.07 27.27 -6.48
CA LYS A 481 -13.53 27.26 -5.12
C LYS A 481 -14.51 27.87 -4.14
N ARG A 482 -14.99 29.08 -4.42
CA ARG A 482 -15.89 29.76 -3.50
C ARG A 482 -17.22 29.02 -3.38
N ASP A 483 -17.75 28.52 -4.50
CA ASP A 483 -19.07 27.89 -4.49
C ASP A 483 -19.05 26.57 -3.74
N LEU A 484 -17.99 25.78 -3.88
CA LEU A 484 -17.95 24.44 -3.34
C LEU A 484 -16.92 24.21 -2.24
N VAL A 485 -16.01 25.15 -2.01
CA VAL A 485 -14.96 24.94 -1.01
C VAL A 485 -14.86 26.05 0.02
N GLY A 486 -15.33 27.26 -0.27
CA GLY A 486 -15.16 28.34 0.69
C GLY A 486 -13.81 29.01 0.65
N VAL A 487 -13.00 28.73 -0.37
CA VAL A 487 -11.66 29.28 -0.50
C VAL A 487 -11.69 30.34 -1.60
N VAL A 488 -11.13 31.51 -1.31
CA VAL A 488 -11.20 32.67 -2.20
C VAL A 488 -9.79 33.14 -2.54
N GLU A 489 -9.66 33.79 -3.70
CA GLU A 489 -8.38 34.32 -4.12
C GLU A 489 -7.94 35.47 -3.22
N PRO A 490 -6.67 35.53 -2.85
CA PRO A 490 -6.14 36.73 -2.20
C PRO A 490 -5.59 37.77 -3.18
N LEU A 491 -5.44 37.41 -4.46
CA LEU A 491 -5.05 38.32 -5.52
C LEU A 491 -5.74 37.86 -6.79
N PRO A 492 -6.08 38.79 -7.69
CA PRO A 492 -6.77 38.40 -8.93
C PRO A 492 -5.89 37.50 -9.79
N HIS A 493 -6.51 36.55 -10.47
CA HIS A 493 -5.81 35.57 -11.29
C HIS A 493 -6.27 35.68 -12.73
N ASP A 494 -5.32 35.88 -13.63
CA ASP A 494 -5.60 35.92 -15.05
C ASP A 494 -5.75 34.51 -15.59
N GLU A 495 -5.94 34.39 -16.91
CA GLU A 495 -6.03 33.09 -17.55
C GLU A 495 -4.71 32.33 -17.51
N THR A 496 -3.58 33.04 -17.39
CA THR A 496 -2.28 32.40 -17.54
C THR A 496 -1.93 31.52 -16.34
N TYR A 497 -2.28 31.95 -15.13
CA TYR A 497 -1.77 31.33 -13.90
C TYR A 497 -2.50 30.02 -13.67
N CYS A 498 -1.90 28.92 -14.12
CA CYS A 498 -2.47 27.60 -13.86
C CYS A 498 -2.25 27.25 -12.40
N ASP A 499 -3.32 27.36 -11.60
CA ASP A 499 -3.28 27.09 -10.16
C ASP A 499 -3.39 25.61 -9.81
N PRO A 500 -4.31 24.84 -10.40
CA PRO A 500 -4.40 23.42 -10.04
C PRO A 500 -3.15 22.64 -10.36
N ALA A 501 -2.35 23.06 -11.33
CA ALA A 501 -1.14 22.35 -11.70
C ALA A 501 0.07 22.81 -10.89
N SER A 502 -0.15 23.56 -9.81
CA SER A 502 0.89 23.85 -8.83
C SER A 502 0.86 22.86 -7.67
N LEU A 503 0.15 21.76 -7.83
CA LEU A 503 0.02 20.72 -6.81
C LEU A 503 0.75 19.47 -7.28
N PHE A 504 1.36 18.76 -6.33
CA PHE A 504 2.18 17.60 -6.67
C PHE A 504 1.41 16.60 -7.53
N HIS A 505 0.23 16.20 -7.07
CA HIS A 505 -0.48 15.12 -7.74
C HIS A 505 -0.96 15.55 -9.13
N VAL A 506 -1.46 16.78 -9.25
CA VAL A 506 -1.91 17.26 -10.56
C VAL A 506 -0.75 17.47 -11.50
N ALA A 507 0.36 18.01 -11.00
CA ALA A 507 1.53 18.29 -11.83
C ALA A 507 2.40 17.06 -12.04
N ASN A 508 2.08 15.93 -11.42
CA ASN A 508 2.80 14.69 -11.64
C ASN A 508 1.87 13.58 -12.13
N ASP A 509 0.69 13.95 -12.64
CA ASP A 509 -0.25 13.02 -13.24
C ASP A 509 -0.67 11.93 -12.24
N TYR A 510 -1.12 12.37 -11.08
CA TYR A 510 -1.60 11.47 -10.03
C TYR A 510 -3.06 11.77 -9.74
N SER A 511 -3.85 10.71 -9.54
CA SER A 511 -5.24 10.87 -9.17
C SER A 511 -5.35 11.40 -7.75
N PHE A 512 -6.29 12.31 -7.53
CA PHE A 512 -6.46 12.92 -6.22
C PHE A 512 -7.73 12.49 -5.52
N ILE A 513 -8.62 11.75 -6.19
CA ILE A 513 -9.85 11.30 -5.56
C ILE A 513 -9.59 10.20 -4.53
N ARG A 514 -8.45 9.52 -4.61
CA ARG A 514 -8.12 8.50 -3.61
C ARG A 514 -8.00 9.07 -2.21
N TYR A 515 -7.80 10.38 -2.08
CA TYR A 515 -7.73 11.05 -0.79
C TYR A 515 -9.08 11.54 -0.32
N TYR A 516 -10.15 11.19 -1.03
CA TYR A 516 -11.52 11.48 -0.62
C TYR A 516 -12.23 10.22 -0.14
N THR A 517 -12.15 9.13 -0.89
CA THR A 517 -12.75 7.88 -0.45
C THR A 517 -12.02 7.32 0.76
N ARG A 518 -10.73 7.60 0.90
CA ARG A 518 -9.95 7.07 2.01
C ARG A 518 -10.49 7.59 3.34
N THR A 519 -10.67 8.91 3.46
CA THR A 519 -11.18 9.48 4.70
C THR A 519 -12.64 9.08 4.92
N ILE A 520 -13.40 8.92 3.85
CA ILE A 520 -14.77 8.42 4.00
C ILE A 520 -14.77 6.97 4.48
N TYR A 521 -13.86 6.15 3.95
CA TYR A 521 -13.75 4.78 4.44
C TYR A 521 -13.05 4.70 5.78
N GLN A 522 -12.24 5.71 6.13
CA GLN A 522 -11.47 5.65 7.37
C GLN A 522 -12.38 5.58 8.58
N PHE A 523 -13.46 6.35 8.59
CA PHE A 523 -14.39 6.36 9.71
C PHE A 523 -15.54 5.39 9.54
N GLN A 524 -15.75 4.86 8.34
CA GLN A 524 -16.63 3.70 8.21
C GLN A 524 -15.97 2.46 8.80
N PHE A 525 -14.66 2.33 8.63
CA PHE A 525 -13.92 1.26 9.31
C PHE A 525 -13.92 1.48 10.82
N GLN A 526 -13.56 2.69 11.26
CA GLN A 526 -13.44 2.94 12.69
C GLN A 526 -14.77 2.78 13.40
N GLU A 527 -15.85 3.31 12.83
CA GLU A 527 -17.16 3.15 13.45
C GLU A 527 -17.59 1.70 13.49
N ALA A 528 -17.25 0.92 12.48
CA ALA A 528 -17.61 -0.49 12.45
C ALA A 528 -16.64 -1.37 13.20
N LEU A 529 -15.55 -0.81 13.73
CA LEU A 529 -14.63 -1.54 14.59
C LEU A 529 -14.79 -1.19 16.06
N CYS A 530 -15.17 0.05 16.38
CA CYS A 530 -15.51 0.39 17.75
C CYS A 530 -16.84 -0.24 18.16
N GLN A 531 -17.79 -0.36 17.23
CA GLN A 531 -19.07 -0.96 17.55
C GLN A 531 -18.91 -2.44 17.89
N ILE A 532 -18.15 -3.18 17.08
CA ILE A 532 -17.92 -4.59 17.36
C ILE A 532 -17.06 -4.76 18.61
N ALA A 533 -16.18 -3.79 18.88
CA ALA A 533 -15.44 -3.78 20.14
C ALA A 533 -16.30 -3.42 21.34
N LYS A 534 -17.57 -3.07 21.11
CA LYS A 534 -18.50 -2.72 22.19
C LYS A 534 -18.00 -1.50 22.98
N HIS A 535 -17.52 -0.50 22.25
CA HIS A 535 -17.09 0.74 22.89
C HIS A 535 -18.31 1.55 23.33
N GLU A 536 -18.26 2.02 24.58
CA GLU A 536 -19.33 2.85 25.13
C GLU A 536 -18.84 4.30 25.19
N GLY A 537 -19.62 5.20 24.59
CA GLY A 537 -19.29 6.61 24.62
C GLY A 537 -19.10 7.18 23.23
N PRO A 538 -18.46 8.34 23.15
CA PRO A 538 -18.18 8.94 21.85
C PRO A 538 -17.20 8.10 21.05
N LEU A 539 -17.17 8.35 19.75
CA LEU A 539 -16.35 7.55 18.84
C LEU A 539 -14.91 8.00 18.77
N HIS A 540 -14.58 9.21 19.25
CA HIS A 540 -13.22 9.69 19.15
C HIS A 540 -12.31 9.05 20.19
N LYS A 541 -12.82 8.81 21.39
CA LYS A 541 -12.04 8.20 22.46
C LYS A 541 -12.14 6.67 22.45
N CYS A 542 -12.50 6.08 21.32
CA CYS A 542 -12.58 4.63 21.20
C CYS A 542 -11.19 4.04 21.02
N ASP A 543 -10.89 2.99 21.79
CA ASP A 543 -9.62 2.29 21.70
C ASP A 543 -9.93 0.82 21.47
N ILE A 544 -9.50 0.29 20.33
CA ILE A 544 -9.81 -1.09 19.96
C ILE A 544 -8.71 -2.01 20.46
N SER A 545 -7.79 -1.47 21.25
CA SER A 545 -6.71 -2.28 21.81
C SER A 545 -7.29 -3.33 22.74
N ASN A 546 -6.72 -4.53 22.69
CA ASN A 546 -7.10 -5.73 23.45
C ASN A 546 -8.43 -6.30 22.97
N SER A 547 -9.07 -5.70 21.98
CA SER A 547 -10.33 -6.21 21.42
C SER A 547 -10.01 -7.02 20.18
N SER A 548 -9.96 -8.34 20.34
CA SER A 548 -9.68 -9.21 19.20
C SER A 548 -10.82 -9.21 18.20
N GLU A 549 -12.05 -8.89 18.65
CA GLU A 549 -13.19 -8.90 17.75
C GLU A 549 -13.04 -7.87 16.65
N ALA A 550 -12.53 -6.68 16.98
CA ALA A 550 -12.32 -5.66 15.96
C ALA A 550 -11.26 -6.08 14.96
N GLY A 551 -10.18 -6.70 15.42
CA GLY A 551 -9.11 -7.11 14.52
C GLY A 551 -9.55 -8.20 13.57
N GLN A 552 -10.37 -9.14 14.03
CA GLN A 552 -10.89 -10.18 13.15
C GLN A 552 -11.76 -9.59 12.06
N THR A 553 -12.56 -8.57 12.40
CA THR A 553 -13.44 -7.96 11.40
C THR A 553 -12.64 -7.25 10.32
N LEU A 554 -11.60 -6.51 10.70
CA LEU A 554 -10.80 -5.79 9.71
C LEU A 554 -10.01 -6.75 8.83
N LEU A 555 -9.47 -7.81 9.41
CA LEU A 555 -8.60 -8.72 8.67
C LEU A 555 -9.35 -9.38 7.51
N GLN A 556 -10.65 -9.59 7.65
CA GLN A 556 -11.44 -10.14 6.55
C GLN A 556 -11.40 -9.22 5.34
N MET A 557 -11.49 -7.91 5.57
CA MET A 557 -11.37 -6.96 4.47
C MET A 557 -9.93 -6.88 3.98
N LEU A 558 -8.95 -7.00 4.89
CA LEU A 558 -7.56 -6.88 4.48
C LEU A 558 -7.13 -8.05 3.62
N LYS A 559 -7.51 -9.27 4.00
CA LYS A 559 -6.93 -10.45 3.36
C LYS A 559 -7.40 -10.65 1.93
N LEU A 560 -8.55 -10.08 1.55
CA LEU A 560 -9.04 -10.27 0.18
C LEU A 560 -8.28 -9.41 -0.82
N GLY A 561 -7.56 -8.39 -0.37
CA GLY A 561 -6.79 -7.58 -1.30
C GLY A 561 -7.67 -6.89 -2.31
N ARG A 562 -7.35 -7.09 -3.59
CA ARG A 562 -8.10 -6.49 -4.68
C ARG A 562 -8.84 -7.54 -5.50
N SER A 563 -9.03 -8.73 -4.95
CA SER A 563 -9.69 -9.80 -5.70
C SER A 563 -11.18 -9.54 -5.90
N LYS A 564 -11.77 -8.75 -5.02
CA LYS A 564 -13.19 -8.47 -5.04
C LYS A 564 -13.42 -6.96 -5.18
N PRO A 565 -14.56 -6.55 -5.74
CA PRO A 565 -14.82 -5.12 -5.90
C PRO A 565 -14.81 -4.41 -4.56
N TRP A 566 -14.36 -3.16 -4.56
CA TRP A 566 -14.39 -2.36 -3.34
C TRP A 566 -15.80 -2.21 -2.80
N THR A 567 -16.81 -2.40 -3.65
CA THR A 567 -18.19 -2.46 -3.18
C THR A 567 -18.39 -3.64 -2.23
N LEU A 568 -17.87 -4.81 -2.61
CA LEU A 568 -18.00 -5.98 -1.75
C LEU A 568 -17.07 -5.91 -0.56
N ALA A 569 -15.84 -5.42 -0.76
CA ALA A 569 -14.88 -5.36 0.33
C ALA A 569 -15.35 -4.44 1.45
N LEU A 570 -15.88 -3.27 1.08
CA LEU A 570 -16.38 -2.33 2.08
C LEU A 570 -17.53 -2.91 2.86
N TYR A 571 -18.42 -3.64 2.19
CA TYR A 571 -19.59 -4.22 2.85
C TYR A 571 -19.18 -5.27 3.88
N ARG A 572 -18.08 -5.97 3.64
CA ARG A 572 -17.68 -7.05 4.55
C ARG A 572 -17.29 -6.52 5.91
N VAL A 573 -16.72 -5.32 5.98
CA VAL A 573 -16.33 -4.74 7.27
C VAL A 573 -17.43 -3.81 7.79
N VAL A 574 -17.81 -2.83 6.97
CA VAL A 574 -18.76 -1.80 7.43
C VAL A 574 -20.20 -2.28 7.41
N GLY A 575 -20.54 -3.26 6.59
CA GLY A 575 -21.92 -3.68 6.46
C GLY A 575 -22.77 -2.85 5.55
N ALA A 576 -22.17 -1.94 4.79
CA ALA A 576 -22.88 -1.05 3.88
C ALA A 576 -22.32 -1.21 2.48
N LYS A 577 -23.20 -1.19 1.48
CA LYS A 577 -22.78 -1.45 0.11
C LYS A 577 -21.86 -0.36 -0.42
N ASN A 578 -22.17 0.90 -0.14
CA ASN A 578 -21.43 2.02 -0.69
C ASN A 578 -20.98 2.94 0.44
N MET A 579 -20.15 3.92 0.08
CA MET A 579 -19.62 4.85 1.06
C MET A 579 -20.68 5.82 1.53
N ASP A 580 -20.54 6.29 2.77
CA ASP A 580 -21.42 7.31 3.31
C ASP A 580 -20.72 7.96 4.49
N VAL A 581 -21.01 9.25 4.70
CA VAL A 581 -20.31 10.04 5.70
C VAL A 581 -21.03 10.04 7.05
N ARG A 582 -22.07 9.21 7.22
CA ARG A 582 -22.70 9.09 8.52
C ARG A 582 -21.74 8.62 9.62
N PRO A 583 -20.91 7.58 9.42
CA PRO A 583 -19.94 7.24 10.47
C PRO A 583 -18.96 8.35 10.79
N LEU A 584 -18.55 9.13 9.79
CA LEU A 584 -17.67 10.27 10.03
C LEU A 584 -18.39 11.40 10.74
N LEU A 585 -19.70 11.53 10.55
CA LEU A 585 -20.46 12.53 11.27
C LEU A 585 -20.58 12.19 12.75
N ASN A 586 -20.61 10.89 13.07
CA ASN A 586 -20.64 10.48 14.47
C ASN A 586 -19.31 10.75 15.15
N TYR A 587 -18.20 10.59 14.43
CA TYR A 587 -16.88 10.80 15.02
C TYR A 587 -16.72 12.22 15.52
N PHE A 588 -17.16 13.20 14.73
CA PHE A 588 -17.09 14.60 15.11
C PHE A 588 -18.38 15.09 15.77
N ASP A 589 -19.31 14.20 16.06
CA ASP A 589 -20.54 14.60 16.72
C ASP A 589 -20.30 15.30 18.06
N PRO A 590 -19.41 14.83 18.94
CA PRO A 590 -19.07 15.65 20.11
C PRO A 590 -18.48 17.00 19.72
N LEU A 591 -17.73 17.06 18.63
CA LEU A 591 -17.25 18.35 18.15
C LEU A 591 -18.36 19.13 17.48
N PHE A 592 -19.21 18.45 16.71
CA PHE A 592 -20.28 19.14 15.99
C PHE A 592 -21.25 19.81 16.96
N THR A 593 -21.67 19.09 18.01
CA THR A 593 -22.52 19.71 19.02
C THR A 593 -21.80 20.84 19.75
N TRP A 594 -20.48 20.76 19.85
CA TRP A 594 -19.70 21.87 20.39
C TRP A 594 -19.45 22.95 19.35
N LEU A 595 -19.38 22.57 18.07
CA LEU A 595 -19.26 23.57 17.01
C LEU A 595 -20.55 24.34 16.83
N LYS A 596 -21.69 23.64 16.79
CA LYS A 596 -22.98 24.31 16.65
C LYS A 596 -23.26 25.23 17.83
N GLU A 597 -22.87 24.82 19.04
CA GLU A 597 -23.08 25.64 20.22
C GLU A 597 -22.06 26.76 20.33
N GLN A 598 -20.99 26.71 19.55
CA GLN A 598 -20.04 27.82 19.47
C GLN A 598 -20.30 28.73 18.27
N ASN A 599 -21.05 28.25 17.28
CA ASN A 599 -21.40 29.03 16.10
C ASN A 599 -22.71 29.78 16.26
N ARG A 600 -23.36 29.70 17.42
CA ARG A 600 -24.60 30.43 17.62
C ARG A 600 -24.39 31.93 17.53
N ASN A 601 -23.18 32.40 17.85
CA ASN A 601 -22.83 33.81 17.79
C ASN A 601 -22.08 34.17 16.52
N SER A 602 -21.96 33.24 15.57
CA SER A 602 -21.21 33.47 14.34
C SER A 602 -22.05 33.05 13.14
N PHE A 603 -21.64 33.55 11.98
CA PHE A 603 -22.31 33.22 10.73
C PHE A 603 -21.99 31.79 10.30
N VAL A 604 -22.84 31.25 9.44
CA VAL A 604 -22.63 29.92 8.86
C VAL A 604 -22.90 30.01 7.36
N GLY A 605 -22.09 29.33 6.57
CA GLY A 605 -22.17 29.52 5.14
C GLY A 605 -21.25 30.63 4.67
N TRP A 606 -20.82 30.52 3.41
CA TRP A 606 -19.83 31.44 2.85
C TRP A 606 -20.42 32.17 1.65
N ASN A 607 -20.31 33.49 1.66
CA ASN A 607 -20.67 34.29 0.49
C ASN A 607 -19.59 34.17 -0.56
N THR A 608 -20.00 33.93 -1.81
CA THR A 608 -19.08 33.70 -2.90
C THR A 608 -18.81 34.96 -3.73
N ASP A 609 -19.01 36.14 -3.14
CA ASP A 609 -18.84 37.41 -3.85
C ASP A 609 -18.04 38.40 -3.01
N TRP A 610 -16.95 37.93 -2.40
CA TRP A 610 -16.05 38.78 -1.64
C TRP A 610 -14.61 38.46 -2.00
N SER A 611 -13.75 39.48 -1.93
CA SER A 611 -12.33 39.30 -2.20
C SER A 611 -11.52 40.28 -1.37
N PRO A 612 -10.41 39.85 -0.79
CA PRO A 612 -9.66 40.75 0.11
C PRO A 612 -8.92 41.86 -0.61
N TYR A 613 -8.43 41.60 -1.84
CA TYR A 613 -7.63 42.60 -2.53
C TYR A 613 -8.44 43.83 -2.90
N ALA A 614 -9.76 43.69 -3.04
CA ALA A 614 -10.61 44.84 -3.35
C ALA A 614 -10.61 45.87 -2.23
N ASP A 615 -10.22 45.48 -1.02
CA ASP A 615 -10.14 46.40 0.10
C ASP A 615 -8.70 46.52 0.62
N ASN B 1 28.46 -52.84 10.40
CA ASN B 1 28.00 -51.96 9.34
C ASN B 1 27.37 -50.69 9.91
N LEU B 2 28.20 -49.67 10.13
CA LEU B 2 27.75 -48.38 10.63
C LEU B 2 27.91 -47.36 9.52
N CYS B 3 26.80 -46.74 9.12
CA CYS B 3 26.79 -45.76 8.06
C CYS B 3 26.13 -44.47 8.51
N PRO B 4 26.78 -43.32 8.34
CA PRO B 4 26.11 -42.05 8.63
C PRO B 4 24.95 -41.81 7.66
N PHE B 5 23.93 -41.09 8.14
CA PHE B 5 22.78 -40.75 7.32
C PHE B 5 22.58 -39.25 7.24
N GLY B 6 23.47 -38.46 7.85
CA GLY B 6 23.41 -37.02 7.74
C GLY B 6 24.68 -36.45 7.11
N GLU B 7 25.73 -37.26 7.06
CA GLU B 7 26.98 -36.80 6.48
C GLU B 7 26.82 -36.50 4.99
N VAL B 8 26.16 -37.39 4.26
CA VAL B 8 25.84 -37.13 2.86
C VAL B 8 24.84 -35.99 2.75
N PHE B 9 23.84 -35.98 3.64
CA PHE B 9 22.82 -34.93 3.60
C PHE B 9 23.40 -33.57 3.93
N ASN B 10 24.61 -33.53 4.49
CA ASN B 10 25.33 -32.28 4.70
C ASN B 10 26.11 -31.86 3.46
N ALA B 11 25.66 -32.28 2.28
CA ALA B 11 26.32 -31.90 1.05
C ALA B 11 26.12 -30.41 0.77
N THR B 12 27.17 -29.78 0.22
CA THR B 12 27.07 -28.38 -0.16
C THR B 12 26.10 -28.19 -1.34
N LYS B 13 26.02 -29.18 -2.22
CA LYS B 13 25.19 -29.10 -3.41
C LYS B 13 23.96 -29.99 -3.23
N PHE B 14 22.78 -29.38 -3.34
CA PHE B 14 21.50 -30.05 -3.14
C PHE B 14 20.68 -30.00 -4.41
N PRO B 15 20.00 -31.07 -4.78
CA PRO B 15 19.19 -31.05 -5.99
C PRO B 15 18.02 -30.09 -5.85
N SER B 16 17.53 -29.62 -6.99
CA SER B 16 16.35 -28.77 -7.01
C SER B 16 15.10 -29.63 -7.14
N VAL B 17 13.94 -28.99 -7.03
CA VAL B 17 12.68 -29.74 -7.03
C VAL B 17 12.46 -30.41 -8.38
N TYR B 18 12.88 -29.76 -9.46
CA TYR B 18 12.81 -30.37 -10.79
C TYR B 18 13.74 -31.57 -10.88
N ALA B 19 14.94 -31.47 -10.34
CA ALA B 19 15.97 -32.49 -10.47
C ALA B 19 16.26 -33.20 -9.15
N TRP B 20 15.24 -33.45 -8.35
CA TRP B 20 15.42 -34.17 -7.08
C TRP B 20 16.06 -35.53 -7.32
N GLU B 21 17.02 -35.88 -6.48
CA GLU B 21 17.80 -37.09 -6.63
C GLU B 21 17.44 -38.10 -5.54
N ARG B 22 17.18 -39.34 -5.97
CA ARG B 22 16.76 -40.42 -5.08
C ARG B 22 18.00 -41.13 -4.52
N LYS B 23 18.45 -40.69 -3.36
CA LYS B 23 19.61 -41.28 -2.71
C LYS B 23 19.16 -42.46 -1.88
N LYS B 24 19.31 -43.67 -2.42
CA LYS B 24 18.90 -44.90 -1.75
C LYS B 24 20.01 -45.33 -0.80
N ILE B 25 19.91 -44.91 0.45
CA ILE B 25 20.86 -45.31 1.49
C ILE B 25 20.14 -46.38 2.31
N SER B 26 20.36 -47.63 1.94
CA SER B 26 19.64 -48.75 2.51
C SER B 26 20.62 -49.84 2.94
N ASN B 27 20.09 -50.86 3.62
CA ASN B 27 20.83 -52.02 4.08
C ASN B 27 21.87 -51.67 5.13
N CYS B 28 21.68 -50.57 5.86
CA CYS B 28 22.58 -50.19 6.92
C CYS B 28 21.79 -49.52 8.05
N VAL B 29 22.35 -49.56 9.25
CA VAL B 29 21.73 -48.99 10.44
C VAL B 29 22.45 -47.69 10.79
N ALA B 30 21.68 -46.68 11.20
CA ALA B 30 22.22 -45.37 11.52
C ALA B 30 21.60 -44.86 12.81
N ASP B 31 22.24 -43.83 13.38
CA ASP B 31 21.82 -43.23 14.64
C ASP B 31 20.85 -42.08 14.35
N TYR B 32 19.58 -42.28 14.68
CA TYR B 32 18.54 -41.27 14.48
C TYR B 32 18.65 -40.09 15.43
N SER B 33 19.73 -40.00 16.23
CA SER B 33 19.83 -38.95 17.24
C SER B 33 19.69 -37.56 16.65
N VAL B 34 20.11 -37.37 15.40
CA VAL B 34 19.89 -36.08 14.74
C VAL B 34 18.42 -35.81 14.48
N LEU B 35 17.64 -36.86 14.20
CA LEU B 35 16.21 -36.69 13.97
C LEU B 35 15.53 -36.09 15.20
N TYR B 36 15.96 -36.49 16.40
CA TYR B 36 15.40 -35.91 17.61
C TYR B 36 15.72 -34.42 17.71
N ASN B 37 16.92 -34.01 17.29
CA ASN B 37 17.32 -32.61 17.38
C ASN B 37 16.48 -31.75 16.45
N SER B 38 15.59 -30.93 17.01
CA SER B 38 14.75 -30.04 16.24
C SER B 38 15.21 -28.59 16.31
N THR B 39 16.33 -28.31 16.97
CA THR B 39 16.90 -26.97 16.94
C THR B 39 17.44 -26.65 15.55
N PHE B 40 18.00 -27.65 14.86
CA PHE B 40 18.56 -27.48 13.52
C PHE B 40 17.56 -27.76 12.41
N PHE B 41 16.63 -28.69 12.61
CA PHE B 41 15.53 -28.88 11.69
C PHE B 41 14.42 -27.87 11.97
N SER B 42 13.58 -27.64 10.97
CA SER B 42 12.45 -26.73 11.13
C SER B 42 11.12 -27.34 10.70
N THR B 43 11.12 -28.54 10.13
CA THR B 43 9.90 -29.23 9.74
C THR B 43 10.03 -30.72 10.06
N PHE B 44 10.42 -31.03 11.28
CA PHE B 44 10.42 -32.42 11.71
C PHE B 44 9.00 -32.96 11.70
N LYS B 45 8.74 -33.91 10.82
CA LYS B 45 7.37 -34.37 10.59
C LYS B 45 7.41 -35.77 9.99
N CYS B 46 6.28 -36.46 10.10
CA CYS B 46 6.16 -37.81 9.58
C CYS B 46 4.72 -38.04 9.15
N TYR B 47 4.51 -39.07 8.35
CA TYR B 47 3.19 -39.39 7.81
C TYR B 47 3.03 -40.90 7.76
N GLY B 48 2.06 -41.42 8.51
CA GLY B 48 1.79 -42.85 8.53
C GLY B 48 2.78 -43.67 9.30
N VAL B 49 3.67 -43.04 10.08
CA VAL B 49 4.67 -43.76 10.85
C VAL B 49 5.00 -42.93 12.08
N SER B 50 5.40 -43.62 13.16
CA SER B 50 5.69 -42.94 14.42
C SER B 50 6.98 -42.14 14.31
N ALA B 51 6.93 -40.88 14.77
CA ALA B 51 8.11 -40.03 14.71
C ALA B 51 9.11 -40.39 15.81
N THR B 52 8.63 -40.54 17.05
CA THR B 52 9.54 -40.86 18.15
C THR B 52 9.97 -42.33 18.10
N LYS B 53 9.07 -43.21 17.67
CA LYS B 53 9.36 -44.64 17.60
C LYS B 53 9.89 -45.07 16.24
N LEU B 54 10.35 -44.12 15.42
CA LEU B 54 10.96 -44.48 14.15
C LEU B 54 12.26 -45.25 14.36
N ASN B 55 13.00 -44.92 15.42
CA ASN B 55 14.21 -45.66 15.75
C ASN B 55 13.89 -47.11 16.10
N ASP B 56 12.80 -47.32 16.85
CA ASP B 56 12.43 -48.68 17.24
C ASP B 56 12.02 -49.52 16.03
N LEU B 57 11.31 -48.92 15.07
CA LEU B 57 10.84 -49.65 13.90
C LEU B 57 11.99 -49.87 12.93
N CYS B 58 12.30 -51.13 12.64
CA CYS B 58 13.36 -51.49 11.72
C CYS B 58 12.85 -51.90 10.34
N PHE B 59 11.54 -51.81 10.11
CA PHE B 59 10.97 -52.12 8.80
C PHE B 59 11.01 -50.87 7.91
N SER B 60 12.23 -50.50 7.53
CA SER B 60 12.45 -49.30 6.73
C SER B 60 13.32 -49.64 5.53
N ASN B 61 12.89 -49.16 4.36
CA ASN B 61 13.65 -49.24 3.11
C ASN B 61 13.70 -47.82 2.57
N VAL B 62 14.68 -47.05 3.04
CA VAL B 62 14.68 -45.61 2.81
C VAL B 62 14.87 -45.31 1.33
N TYR B 63 14.09 -44.36 0.82
CA TYR B 63 14.17 -43.85 -0.55
C TYR B 63 14.34 -42.35 -0.52
N ALA B 64 15.32 -41.88 0.27
CA ALA B 64 15.53 -40.46 0.50
C ALA B 64 15.62 -39.68 -0.81
N ASP B 65 14.72 -38.72 -0.97
CA ASP B 65 14.68 -37.82 -2.12
C ASP B 65 14.97 -36.41 -1.63
N SER B 66 16.00 -35.78 -2.18
CA SER B 66 16.44 -34.46 -1.74
C SER B 66 16.08 -33.41 -2.77
N PHE B 67 15.50 -32.31 -2.32
CA PHE B 67 15.21 -31.16 -3.18
C PHE B 67 15.04 -29.92 -2.31
N VAL B 68 15.07 -28.76 -2.97
CA VAL B 68 15.12 -27.47 -2.28
C VAL B 68 13.89 -26.67 -2.70
N VAL B 69 12.82 -26.77 -1.91
CA VAL B 69 11.69 -25.84 -2.00
C VAL B 69 11.98 -24.66 -1.08
N LYS B 70 11.22 -23.56 -1.25
CA LYS B 70 11.43 -22.39 -0.42
C LYS B 70 10.58 -22.48 0.84
N GLY B 71 10.52 -21.39 1.61
CA GLY B 71 9.83 -21.43 2.90
C GLY B 71 8.33 -21.64 2.78
N ASP B 72 7.68 -20.91 1.88
CA ASP B 72 6.23 -21.09 1.71
C ASP B 72 5.89 -22.42 1.08
N ASP B 73 6.84 -23.07 0.40
CA ASP B 73 6.59 -24.31 -0.30
C ASP B 73 6.89 -25.54 0.54
N VAL B 74 7.38 -25.38 1.77
CA VAL B 74 7.64 -26.54 2.61
C VAL B 74 6.33 -27.17 3.07
N ARG B 75 5.31 -26.35 3.33
CA ARG B 75 4.00 -26.91 3.65
C ARG B 75 3.39 -27.61 2.45
N GLN B 76 3.79 -27.23 1.23
CA GLN B 76 3.35 -27.95 0.05
C GLN B 76 3.87 -29.39 0.03
N ILE B 77 4.93 -29.68 0.77
CA ILE B 77 5.51 -31.04 0.80
C ILE B 77 4.76 -31.79 1.89
N ALA B 78 3.59 -32.31 1.53
CA ALA B 78 2.77 -33.09 2.44
C ALA B 78 1.86 -33.98 1.62
N PRO B 79 1.69 -35.24 2.02
CA PRO B 79 0.72 -36.11 1.32
C PRO B 79 -0.68 -35.53 1.37
N GLY B 80 -1.33 -35.48 0.20
CA GLY B 80 -2.66 -34.93 0.10
C GLY B 80 -2.71 -33.42 -0.05
N GLN B 81 -1.56 -32.76 -0.20
CA GLN B 81 -1.49 -31.32 -0.36
C GLN B 81 -1.03 -30.99 -1.77
N THR B 82 -1.66 -29.98 -2.37
CA THR B 82 -1.38 -29.59 -3.74
C THR B 82 -1.12 -28.09 -3.82
N GLY B 83 -0.38 -27.71 -4.85
CA GLY B 83 0.00 -26.31 -5.00
C GLY B 83 0.87 -26.16 -6.22
N VAL B 84 1.59 -25.03 -6.28
CA VAL B 84 2.46 -24.77 -7.42
C VAL B 84 3.59 -25.80 -7.47
N ILE B 85 4.11 -26.19 -6.32
CA ILE B 85 5.24 -27.11 -6.26
C ILE B 85 4.82 -28.58 -6.15
N ALA B 86 3.63 -28.85 -5.61
CA ALA B 86 3.24 -30.21 -5.26
C ALA B 86 2.57 -30.97 -6.39
N ASP B 87 2.38 -30.37 -7.57
CA ASP B 87 1.71 -31.04 -8.67
C ASP B 87 2.53 -31.12 -9.94
N TYR B 88 3.58 -30.31 -10.08
CA TYR B 88 4.44 -30.34 -11.25
C TYR B 88 5.85 -30.77 -10.89
N ASN B 89 6.04 -31.27 -9.67
CA ASN B 89 7.33 -31.70 -9.16
C ASN B 89 7.08 -33.00 -8.40
N TYR B 90 8.02 -33.39 -7.54
CA TYR B 90 7.84 -34.61 -6.75
C TYR B 90 6.59 -34.49 -5.90
N LYS B 91 5.54 -35.24 -6.27
CA LYS B 91 4.29 -35.23 -5.52
C LYS B 91 4.27 -36.38 -4.52
N LEU B 92 3.94 -36.06 -3.28
CA LEU B 92 3.85 -37.07 -2.23
C LEU B 92 2.55 -37.85 -2.36
N PRO B 93 2.60 -39.18 -2.46
CA PRO B 93 1.35 -39.95 -2.61
C PRO B 93 0.44 -39.79 -1.40
N ASP B 94 -0.87 -39.90 -1.65
CA ASP B 94 -1.84 -39.78 -0.58
C ASP B 94 -1.61 -40.81 0.52
N ASP B 95 -1.24 -42.04 0.15
CA ASP B 95 -0.95 -43.10 1.10
C ASP B 95 0.54 -43.28 1.32
N PHE B 96 1.32 -42.20 1.19
CA PHE B 96 2.76 -42.27 1.38
C PHE B 96 3.10 -42.50 2.84
N MET B 97 3.95 -43.48 3.10
CA MET B 97 4.45 -43.77 4.43
C MET B 97 5.90 -43.30 4.54
N GLY B 98 6.20 -42.56 5.60
CA GLY B 98 7.55 -42.07 5.82
C GLY B 98 7.52 -40.75 6.58
N CYS B 99 8.60 -39.99 6.41
CA CYS B 99 8.78 -38.73 7.11
C CYS B 99 9.34 -37.68 6.16
N VAL B 100 9.00 -36.43 6.42
CA VAL B 100 9.42 -35.29 5.60
C VAL B 100 10.19 -34.33 6.50
N LEU B 101 11.38 -33.95 6.06
CA LEU B 101 12.31 -33.17 6.87
C LEU B 101 12.70 -31.91 6.12
N ALA B 102 12.88 -30.81 6.87
CA ALA B 102 13.31 -29.56 6.27
C ALA B 102 14.04 -28.72 7.30
N TRP B 103 14.86 -27.80 6.79
CA TRP B 103 15.55 -26.84 7.62
C TRP B 103 15.87 -25.60 6.80
N ASN B 104 15.91 -24.44 7.48
CA ASN B 104 16.09 -23.16 6.82
C ASN B 104 17.53 -22.94 6.39
N THR B 105 17.86 -23.29 5.15
CA THR B 105 19.19 -23.03 4.60
C THR B 105 19.28 -21.64 3.97
N ARG B 106 18.85 -20.64 4.73
CA ARG B 106 18.95 -19.25 4.28
C ARG B 106 20.40 -18.82 4.15
N ASN B 107 21.25 -19.20 5.10
CA ASN B 107 22.66 -18.85 5.05
C ASN B 107 23.37 -19.54 3.90
N ILE B 108 23.04 -20.80 3.65
CA ILE B 108 23.80 -21.62 2.70
C ILE B 108 23.24 -21.49 1.28
N ASP B 109 21.94 -21.68 1.10
CA ASP B 109 21.35 -21.78 -0.23
C ASP B 109 20.73 -20.47 -0.70
N ALA B 110 21.03 -19.36 -0.05
CA ALA B 110 20.51 -18.06 -0.48
C ALA B 110 21.65 -17.04 -0.44
N THR B 111 21.66 -16.15 -1.43
CA THR B 111 22.69 -15.13 -1.55
C THR B 111 22.04 -13.75 -1.48
N SER B 112 22.78 -12.79 -0.92
CA SER B 112 22.26 -11.44 -0.77
C SER B 112 22.03 -10.77 -2.12
N THR B 113 22.65 -11.26 -3.19
CA THR B 113 22.46 -10.71 -4.52
C THR B 113 21.50 -11.54 -5.37
N GLY B 114 20.92 -12.60 -4.82
CA GLY B 114 19.98 -13.42 -5.57
C GLY B 114 20.57 -14.71 -6.05
N ASN B 115 20.01 -15.83 -5.61
CA ASN B 115 20.45 -17.17 -6.01
C ASN B 115 19.33 -17.80 -6.82
N TYR B 116 19.60 -18.06 -8.10
CA TYR B 116 18.60 -18.56 -9.04
C TYR B 116 18.95 -19.94 -9.59
N ASN B 117 19.69 -20.74 -8.83
CA ASN B 117 20.19 -22.01 -9.36
C ASN B 117 19.11 -23.08 -9.42
N TYR B 118 18.12 -23.04 -8.53
CA TYR B 118 17.18 -24.14 -8.38
C TYR B 118 15.95 -23.95 -9.27
N LYS B 119 15.31 -25.07 -9.62
CA LYS B 119 14.30 -25.11 -10.66
C LYS B 119 13.00 -25.73 -10.14
N TYR B 120 11.90 -25.36 -10.79
CA TYR B 120 10.60 -25.97 -10.53
C TYR B 120 9.67 -25.63 -11.70
N ARG B 121 8.84 -26.59 -12.09
CA ARG B 121 7.94 -26.43 -13.23
C ARG B 121 6.74 -25.60 -12.82
N TYR B 122 6.68 -24.36 -13.32
CA TYR B 122 5.49 -23.54 -13.10
C TYR B 122 4.34 -23.98 -14.01
N LEU B 123 4.66 -24.39 -15.23
CA LEU B 123 3.66 -24.76 -16.23
C LEU B 123 3.89 -26.19 -16.66
N ARG B 124 2.80 -26.94 -16.84
CA ARG B 124 2.91 -28.30 -17.34
C ARG B 124 1.58 -28.71 -17.97
N HIS B 125 1.65 -29.65 -18.89
CA HIS B 125 0.48 -30.25 -19.51
C HIS B 125 0.21 -31.58 -18.82
N GLY B 126 -0.98 -31.72 -18.25
CA GLY B 126 -1.28 -32.87 -17.43
C GLY B 126 -0.85 -32.67 -15.99
N LYS B 127 -0.88 -33.77 -15.24
CA LYS B 127 -0.54 -33.77 -13.83
C LYS B 127 0.62 -34.75 -13.60
N LEU B 128 1.65 -34.28 -12.91
CA LEU B 128 2.78 -35.15 -12.59
C LEU B 128 2.38 -36.14 -11.51
N ARG B 129 2.50 -37.42 -11.81
CA ARG B 129 2.13 -38.46 -10.86
C ARG B 129 3.12 -38.50 -9.70
N PRO B 130 2.68 -38.98 -8.54
CA PRO B 130 3.62 -39.16 -7.42
C PRO B 130 4.72 -40.15 -7.78
N PHE B 131 5.93 -39.86 -7.28
CA PHE B 131 7.14 -40.64 -7.50
C PHE B 131 7.64 -40.58 -8.94
N GLU B 132 7.02 -39.76 -9.78
CA GLU B 132 7.42 -39.64 -11.17
C GLU B 132 8.22 -38.36 -11.37
N ARG B 133 9.34 -38.46 -12.06
CA ARG B 133 10.17 -37.31 -12.39
C ARG B 133 10.29 -37.21 -13.90
N ASP B 134 10.12 -36.00 -14.42
CA ASP B 134 10.18 -35.74 -15.85
C ASP B 134 11.34 -34.78 -16.13
N ILE B 135 12.25 -35.20 -16.99
CA ILE B 135 13.39 -34.39 -17.38
C ILE B 135 13.12 -33.90 -18.79
N SER B 136 12.69 -32.63 -18.91
CA SER B 136 12.38 -32.03 -20.20
C SER B 136 12.20 -30.54 -20.00
N ASN B 137 12.72 -29.75 -20.95
CA ASN B 137 12.60 -28.31 -20.92
C ASN B 137 12.01 -27.78 -22.23
N VAL B 138 11.09 -28.53 -22.82
CA VAL B 138 10.46 -28.09 -24.07
C VAL B 138 9.55 -26.91 -23.77
N PRO B 139 9.49 -25.90 -24.64
CA PRO B 139 8.58 -24.77 -24.39
C PRO B 139 7.13 -25.21 -24.36
N PHE B 140 6.35 -24.56 -23.51
CA PHE B 140 4.96 -24.93 -23.27
C PHE B 140 4.02 -23.89 -23.88
N SER B 141 2.97 -24.38 -24.54
CA SER B 141 1.91 -23.54 -25.06
C SER B 141 0.59 -23.96 -24.41
N PRO B 142 -0.23 -23.01 -23.97
CA PRO B 142 -1.48 -23.40 -23.27
C PRO B 142 -2.40 -24.27 -24.11
N ASP B 143 -2.47 -24.02 -25.42
CA ASP B 143 -3.23 -24.91 -26.29
C ASP B 143 -2.58 -26.29 -26.38
N GLY B 144 -1.25 -26.33 -26.40
CA GLY B 144 -0.52 -27.55 -26.60
C GLY B 144 0.16 -27.68 -27.96
N LYS B 145 0.28 -26.59 -28.71
CA LYS B 145 0.90 -26.62 -30.03
C LYS B 145 2.36 -26.26 -29.91
N PRO B 146 3.28 -27.11 -30.37
CA PRO B 146 4.70 -26.78 -30.26
C PRO B 146 5.04 -25.51 -31.02
N CYS B 147 5.97 -24.74 -30.46
CA CYS B 147 6.35 -23.45 -31.03
C CYS B 147 7.73 -23.07 -30.49
N THR B 148 8.17 -21.87 -30.85
CA THR B 148 9.45 -21.35 -30.41
C THR B 148 9.26 -19.93 -29.87
N PRO B 149 9.64 -19.66 -28.63
CA PRO B 149 9.56 -18.30 -28.12
C PRO B 149 10.48 -17.39 -28.91
N PRO B 150 10.24 -16.07 -28.90
CA PRO B 150 9.25 -15.32 -28.12
C PRO B 150 7.85 -15.27 -28.70
N ALA B 151 7.50 -16.24 -29.55
CA ALA B 151 6.16 -16.30 -30.11
C ALA B 151 5.12 -16.32 -28.99
N LEU B 152 4.04 -15.57 -29.20
CA LEU B 152 3.03 -15.42 -28.17
C LEU B 152 2.43 -16.76 -27.79
N ASN B 153 2.13 -16.93 -26.50
CA ASN B 153 1.57 -18.13 -25.91
C ASN B 153 2.56 -19.30 -25.90
N CYS B 154 3.86 -19.01 -25.95
CA CYS B 154 4.89 -20.04 -25.86
C CYS B 154 5.89 -19.62 -24.79
N TYR B 155 5.89 -20.31 -23.66
CA TYR B 155 6.70 -19.97 -22.51
C TYR B 155 7.64 -21.11 -22.16
N TRP B 156 8.52 -20.86 -21.20
CA TRP B 156 9.43 -21.88 -20.70
C TRP B 156 8.84 -22.52 -19.44
N PRO B 157 8.82 -23.86 -19.35
CA PRO B 157 8.15 -24.48 -18.19
C PRO B 157 8.90 -24.29 -16.89
N LEU B 158 10.22 -24.42 -16.89
CA LEU B 158 10.99 -24.32 -15.66
C LEU B 158 11.14 -22.85 -15.24
N ASN B 159 11.05 -22.62 -13.93
CA ASN B 159 11.28 -21.31 -13.35
C ASN B 159 12.19 -21.47 -12.15
N ASP B 160 12.82 -20.37 -11.74
CA ASP B 160 13.82 -20.39 -10.69
C ASP B 160 13.40 -19.51 -9.52
N TYR B 161 13.75 -19.94 -8.32
CA TYR B 161 13.42 -19.17 -7.12
C TYR B 161 14.32 -17.96 -7.00
N GLY B 162 13.76 -16.84 -6.57
CA GLY B 162 14.55 -15.68 -6.27
C GLY B 162 15.10 -15.71 -4.86
N PHE B 163 15.93 -16.71 -4.57
CA PHE B 163 16.41 -16.93 -3.22
C PHE B 163 17.28 -15.78 -2.76
N TYR B 164 16.99 -15.28 -1.55
CA TYR B 164 17.76 -14.22 -0.93
C TYR B 164 17.90 -14.54 0.55
N THR B 165 18.87 -13.90 1.19
CA THR B 165 18.99 -13.96 2.64
C THR B 165 18.16 -12.89 3.33
N THR B 166 17.62 -11.94 2.58
CA THR B 166 16.83 -10.85 3.14
C THR B 166 15.33 -11.08 3.05
N THR B 167 14.89 -12.15 2.40
CA THR B 167 13.46 -12.40 2.27
C THR B 167 12.86 -12.82 3.61
N GLY B 168 11.53 -12.76 3.67
CA GLY B 168 10.82 -13.20 4.85
C GLY B 168 10.94 -14.70 5.04
N ILE B 169 10.46 -15.15 6.20
CA ILE B 169 10.65 -16.54 6.61
C ILE B 169 10.06 -17.49 5.57
N GLY B 170 8.93 -17.14 4.99
CA GLY B 170 8.29 -17.98 4.01
C GLY B 170 8.91 -17.96 2.63
N TYR B 171 9.87 -17.07 2.38
CA TYR B 171 10.56 -16.99 1.10
C TYR B 171 12.05 -17.24 1.24
N GLN B 172 12.44 -18.14 2.14
CA GLN B 172 13.80 -18.60 2.30
C GLN B 172 13.90 -20.07 1.92
N PRO B 173 15.05 -20.52 1.42
CA PRO B 173 15.14 -21.90 0.90
C PRO B 173 15.14 -22.94 2.01
N TYR B 174 14.48 -24.06 1.74
CA TYR B 174 14.35 -25.16 2.69
C TYR B 174 14.71 -26.46 1.99
N ARG B 175 15.83 -27.06 2.39
CA ARG B 175 16.17 -28.38 1.86
C ARG B 175 15.19 -29.41 2.40
N VAL B 176 14.75 -30.32 1.53
CA VAL B 176 13.70 -31.28 1.87
C VAL B 176 14.19 -32.67 1.50
N VAL B 177 14.27 -33.55 2.49
CA VAL B 177 14.55 -34.97 2.28
C VAL B 177 13.28 -35.75 2.59
N VAL B 178 12.87 -36.61 1.67
CA VAL B 178 11.63 -37.36 1.80
C VAL B 178 12.01 -38.83 2.00
N LEU B 179 12.06 -39.26 3.25
CA LEU B 179 12.46 -40.61 3.62
C LEU B 179 11.27 -41.55 3.46
N SER B 180 11.25 -42.33 2.39
CA SER B 180 10.13 -43.22 2.08
C SER B 180 10.33 -44.58 2.75
N PHE B 181 10.13 -44.59 4.06
CA PHE B 181 10.28 -45.82 4.83
C PHE B 181 9.27 -46.86 4.35
N GLU B 182 9.74 -48.09 4.12
CA GLU B 182 8.89 -49.17 3.68
C GLU B 182 9.50 -50.49 4.11
N GLY B 183 8.64 -51.51 4.27
CA GLY B 183 9.13 -52.85 4.53
C GLY B 183 9.50 -53.55 3.24
N SER B 184 10.77 -53.92 3.11
CA SER B 184 11.24 -54.51 1.86
C SER B 184 10.58 -55.86 1.60
N LEU B 185 10.52 -56.72 2.62
CA LEU B 185 9.90 -58.04 2.47
C LEU B 185 8.39 -57.91 2.52
N GLU B 186 7.72 -58.22 1.41
CA GLU B 186 6.27 -58.25 1.35
C GLU B 186 5.81 -59.53 0.66
N VAL B 187 4.85 -60.22 1.28
CA VAL B 187 4.24 -61.40 0.66
C VAL B 187 2.98 -60.93 -0.04
N LEU B 188 3.16 -60.30 -1.21
CA LEU B 188 2.04 -59.86 -2.01
C LEU B 188 1.35 -61.04 -2.68
N PHE B 189 2.12 -61.94 -3.27
CA PHE B 189 1.62 -63.07 -4.03
C PHE B 189 2.46 -64.30 -3.72
N GLN B 190 1.87 -65.48 -3.93
CA GLN B 190 2.55 -66.77 -3.72
C GLN B 190 3.97 -66.77 -4.29
ZN ZN C . 0.90 5.92 5.08
#